data_9IZL
#
_entry.id   9IZL
#
_cell.length_a   58.823
_cell.length_b   92.980
_cell.length_c   218.923
_cell.angle_alpha   90.00
_cell.angle_beta   90.00
_cell.angle_gamma   90.00
#
_symmetry.space_group_name_H-M   'P 21 21 21'
#
loop_
_entity.id
_entity.type
_entity.pdbx_description
1 polymer Pantetheinase
2 non-polymer 8-oxa-2-azaspiro[4.5]decan-2-yl-[2-[(3~{S})-3-oxidanylpyrrolidin-1-yl]-1,3-thiazol-5-yl]methanone
3 water water
#
_entity_poly.entity_id   1
_entity_poly.type   'polypeptide(L)'
_entity_poly.pdbx_seq_one_letter_code
;QDTFIAAVYEHAAILPNATLTPVSREEALALMNRNLDILEGAITSAADQGAHIIVTPEDAIYGWNFNRDSLYPYLEDIPD
PEVNWIPCNNRNRFGQTPVQERLSCLAKNNSIYVVANIGDKKPCDTSDPQCPPDGRYQYNTDVVFDSQGKLVARYHKQNL
FMGENQFNVPKEPEIVTFNTTFGSFGIFTCFDILFHDPAVTLVKDFHVDTIVFPTAWMNVLPHLSAVEFHSAWAMGMRVN
FLASNIHYPSKKMTGSGIYAPNSSRAFHYDMKTEEGKLLLSQLDSHPSHSAVVNWTSYASSIEALSSGNKEFKGTVFFDE
FTFVKLTGVAGNYTVCQKDLCCHLSYKMSENIPNEVYALGAFDGLHTVEGRYYLQICTLLKCKTTNLNTCGDSAETASTR
FEMFSLSGTFGTQYVFPEVLLSENQLAPGEFQVSTDGRLFSLKPTSGPVLTVTLFGRLYEKD
;
_entity_poly.pdbx_strand_id   A,B
#
loop_
_chem_comp.id
_chem_comp.type
_chem_comp.name
_chem_comp.formula
A1EAG non-polymer 8-oxa-2-azaspiro[4.5]decan-2-yl-[2-[(3~{S})-3-oxidanylpyrrolidin-1-yl]-1,3-thiazol-5-yl]methanone 'C16 H23 N3 O3 S'
#
# COMPACT_ATOMS: atom_id res chain seq x y z
N GLN A 1 6.33 -5.17 53.89
CA GLN A 1 6.61 -3.86 53.30
C GLN A 1 5.61 -3.49 52.20
N ASP A 2 5.12 -2.24 52.26
CA ASP A 2 4.01 -1.81 51.41
C ASP A 2 4.44 -1.29 50.05
N THR A 3 5.72 -0.95 49.88
CA THR A 3 6.24 -0.43 48.62
C THR A 3 7.64 -1.02 48.41
N PHE A 4 8.10 -0.98 47.15
CA PHE A 4 9.43 -1.48 46.82
C PHE A 4 10.03 -0.69 45.65
N ILE A 5 11.38 -0.71 45.57
CA ILE A 5 12.13 -0.03 44.52
C ILE A 5 12.23 -1.00 43.36
N ALA A 6 11.65 -0.65 42.23
CA ALA A 6 11.76 -1.51 41.07
C ALA A 6 12.77 -0.92 40.09
N ALA A 7 13.51 -1.78 39.41
CA ALA A 7 14.46 -1.32 38.41
C ALA A 7 14.31 -2.16 37.14
N VAL A 8 14.51 -1.52 35.99
CA VAL A 8 14.62 -2.23 34.72
C VAL A 8 15.80 -1.66 33.95
N TYR A 9 16.48 -2.52 33.21
CA TYR A 9 17.63 -2.12 32.43
C TYR A 9 17.35 -2.39 30.96
N GLU A 10 17.55 -1.37 30.13
CA GLU A 10 17.54 -1.51 28.67
C GLU A 10 18.99 -1.70 28.23
N HIS A 11 19.26 -2.84 27.62
CA HIS A 11 20.62 -3.32 27.40
C HIS A 11 20.95 -3.28 25.91
N ALA A 12 21.96 -2.49 25.54
CA ALA A 12 22.56 -2.54 24.20
C ALA A 12 23.47 -3.75 24.15
N ALA A 13 22.97 -4.86 23.62
CA ALA A 13 23.65 -6.13 23.82
C ALA A 13 24.78 -6.34 22.82
N ILE A 14 25.85 -6.96 23.30
CA ILE A 14 26.96 -7.40 22.47
C ILE A 14 26.56 -8.72 21.80
N LEU A 15 26.47 -8.71 20.48
CA LEU A 15 26.06 -9.87 19.71
C LEU A 15 27.28 -10.71 19.32
N PRO A 16 27.20 -12.03 19.41
CA PRO A 16 28.34 -12.89 19.03
C PRO A 16 28.72 -12.73 17.57
N ASN A 17 30.04 -12.67 17.32
CA ASN A 17 30.57 -12.62 15.95
C ASN A 17 29.94 -13.69 15.08
N ALA A 18 29.75 -13.38 13.81
CA ALA A 18 29.23 -14.35 12.85
C ALA A 18 30.25 -15.46 12.62
N THR A 19 29.84 -16.72 12.87
CA THR A 19 30.65 -17.88 12.57
C THR A 19 29.80 -18.93 11.88
N LEU A 20 30.43 -19.72 11.00
CA LEU A 20 29.71 -20.74 10.26
C LEU A 20 29.39 -21.93 11.17
N THR A 21 30.34 -22.34 11.99
CA THR A 21 30.19 -23.49 12.87
C THR A 21 30.15 -23.06 14.34
N PRO A 22 29.60 -23.91 15.21
CA PRO A 22 29.46 -23.53 16.63
C PRO A 22 30.80 -23.26 17.28
N VAL A 23 30.82 -22.27 18.18
CA VAL A 23 32.02 -21.91 18.94
C VAL A 23 32.22 -22.87 20.10
N SER A 24 33.38 -22.81 20.73
CA SER A 24 33.64 -23.62 21.92
C SER A 24 32.84 -23.08 23.10
N ARG A 25 32.76 -23.89 24.16
CA ARG A 25 32.09 -23.45 25.38
C ARG A 25 32.82 -22.28 26.02
N GLU A 26 34.14 -22.22 25.87
CA GLU A 26 34.91 -21.11 26.44
C GLU A 26 34.63 -19.80 25.72
N GLU A 27 34.60 -19.83 24.37
CA GLU A 27 34.24 -18.63 23.64
C GLU A 27 32.82 -18.17 23.97
N ALA A 28 31.90 -19.13 24.06
CA ALA A 28 30.52 -18.81 24.42
C ALA A 28 30.46 -18.10 25.77
N LEU A 29 31.14 -18.66 26.78
CA LEU A 29 31.17 -18.06 28.10
C LEU A 29 31.83 -16.69 28.07
N ALA A 30 32.87 -16.52 27.25
CA ALA A 30 33.53 -15.23 27.13
C ALA A 30 32.57 -14.15 26.62
N LEU A 31 31.80 -14.48 25.58
CA LEU A 31 30.85 -13.48 25.08
C LEU A 31 29.73 -13.20 26.10
N MET A 32 29.17 -14.26 26.70
CA MET A 32 28.15 -14.03 27.73
C MET A 32 28.71 -13.18 28.88
N ASN A 33 29.99 -13.35 29.22
CA ASN A 33 30.62 -12.58 30.29
C ASN A 33 30.81 -11.12 29.89
N ARG A 34 31.07 -10.87 28.61
CA ARG A 34 31.10 -9.50 28.12
C ARG A 34 29.74 -8.81 28.35
N ASN A 35 28.65 -9.54 28.11
CA ASN A 35 27.34 -8.96 28.39
C ASN A 35 27.07 -8.82 29.89
N LEU A 36 27.48 -9.83 30.68
CA LEU A 36 27.24 -9.80 32.12
C LEU A 36 28.03 -8.68 32.81
N ASP A 37 29.18 -8.28 32.28
CA ASP A 37 29.90 -7.14 32.85
C ASP A 37 29.01 -5.89 32.81
N ILE A 38 28.42 -5.59 31.64
CA ILE A 38 27.54 -4.43 31.49
C ILE A 38 26.32 -4.58 32.38
N LEU A 39 25.73 -5.79 32.37
CA LEU A 39 24.55 -6.01 33.19
C LEU A 39 24.87 -5.81 34.67
N GLU A 40 26.07 -6.22 35.11
CA GLU A 40 26.48 -6.04 36.50
C GLU A 40 26.65 -4.57 36.83
N GLY A 41 27.18 -3.79 35.88
CA GLY A 41 27.21 -2.34 36.08
C GLY A 41 25.84 -1.79 36.41
N ALA A 42 24.82 -2.24 35.65
CA ALA A 42 23.44 -1.84 35.95
C ALA A 42 22.96 -2.33 37.31
N ILE A 43 23.24 -3.59 37.63
CA ILE A 43 22.76 -4.18 38.88
C ILE A 43 23.36 -3.45 40.08
N THR A 44 24.67 -3.16 40.00
CA THR A 44 25.32 -2.41 41.05
C THR A 44 24.75 -1.01 41.17
N SER A 45 24.52 -0.32 40.04
CA SER A 45 23.91 0.99 40.14
C SER A 45 22.56 0.93 40.84
N ALA A 46 21.71 -0.04 40.47
CA ALA A 46 20.39 -0.19 41.09
C ALA A 46 20.49 -0.49 42.58
N ALA A 47 21.44 -1.37 42.98
CA ALA A 47 21.62 -1.65 44.41
C ALA A 47 22.04 -0.38 45.16
N ASP A 48 22.99 0.39 44.60
CA ASP A 48 23.40 1.61 45.27
C ASP A 48 22.24 2.59 45.44
N GLN A 49 21.20 2.49 44.62
CA GLN A 49 20.01 3.30 44.79
C GLN A 49 18.90 2.58 45.54
N GLY A 50 19.20 1.45 46.19
CA GLY A 50 18.21 0.81 47.03
C GLY A 50 17.16 -0.01 46.33
N ALA A 51 17.40 -0.44 45.10
CA ALA A 51 16.41 -1.27 44.40
C ALA A 51 16.24 -2.63 45.08
N HIS A 52 15.01 -3.13 45.08
CA HIS A 52 14.70 -4.47 45.58
C HIS A 52 14.76 -5.53 44.50
N ILE A 53 14.49 -5.16 43.24
CA ILE A 53 14.45 -6.11 42.13
C ILE A 53 14.82 -5.37 40.84
N ILE A 54 15.59 -6.04 39.99
CA ILE A 54 15.97 -5.50 38.69
C ILE A 54 15.71 -6.54 37.60
N VAL A 55 15.07 -6.13 36.51
CA VAL A 55 14.82 -7.00 35.36
C VAL A 55 15.77 -6.61 34.24
N THR A 56 16.30 -7.61 33.55
CA THR A 56 17.14 -7.44 32.37
C THR A 56 16.52 -8.10 31.13
N PRO A 57 16.96 -7.74 29.94
CA PRO A 57 16.17 -8.06 28.73
C PRO A 57 16.27 -9.51 28.31
N GLU A 58 15.33 -9.91 27.45
CA GLU A 58 15.39 -11.22 26.82
C GLU A 58 16.58 -11.25 25.86
N ASP A 59 17.25 -12.41 25.80
CA ASP A 59 18.40 -12.59 24.91
C ASP A 59 19.54 -11.64 25.24
N ALA A 60 19.49 -11.01 26.41
CA ALA A 60 20.42 -9.93 26.75
C ALA A 60 21.86 -10.44 26.89
N ILE A 61 22.06 -11.74 27.07
CA ILE A 61 23.35 -12.26 27.45
C ILE A 61 24.07 -12.93 26.28
N TYR A 62 23.34 -13.47 25.29
CA TYR A 62 23.99 -14.09 24.17
C TYR A 62 23.39 -13.74 22.80
N GLY A 63 22.34 -12.93 22.75
CA GLY A 63 21.82 -12.47 21.47
C GLY A 63 20.72 -13.36 20.90
N TRP A 64 20.39 -13.10 19.64
CA TRP A 64 19.26 -13.76 19.04
C TRP A 64 19.57 -14.43 17.71
N ASN A 65 20.82 -14.45 17.26
CA ASN A 65 21.19 -15.02 15.97
C ASN A 65 21.73 -16.43 16.15
N PHE A 66 20.83 -17.41 16.16
CA PHE A 66 21.24 -18.78 16.47
C PHE A 66 20.46 -19.79 15.64
N ASN A 67 21.13 -20.87 15.26
CA ASN A 67 20.48 -22.14 15.04
C ASN A 67 20.75 -23.03 16.24
N ARG A 68 20.18 -24.23 16.23
CA ARG A 68 20.24 -25.10 17.41
C ARG A 68 21.68 -25.38 17.80
N ASP A 69 22.52 -25.75 16.84
CA ASP A 69 23.87 -26.18 17.17
C ASP A 69 24.74 -25.01 17.59
N SER A 70 24.66 -23.89 16.87
CA SER A 70 25.48 -22.75 17.28
C SER A 70 25.05 -22.20 18.63
N LEU A 71 23.79 -22.43 19.06
CA LEU A 71 23.36 -22.04 20.40
C LEU A 71 23.82 -23.03 21.46
N TYR A 72 23.95 -24.31 21.12
CA TYR A 72 24.20 -25.32 22.16
C TYR A 72 25.33 -24.93 23.11
N PRO A 73 26.50 -24.47 22.65
CA PRO A 73 27.57 -24.14 23.60
C PRO A 73 27.20 -23.09 24.63
N TYR A 74 26.14 -22.31 24.40
CA TYR A 74 25.73 -21.31 25.38
C TYR A 74 24.80 -21.85 26.46
N LEU A 75 24.33 -23.08 26.35
CA LEU A 75 23.28 -23.55 27.23
C LEU A 75 23.85 -24.09 28.55
N GLU A 76 23.06 -24.00 29.60
CA GLU A 76 23.35 -24.67 30.84
C GLU A 76 22.11 -25.48 31.21
N ASP A 77 22.34 -26.58 31.92
CA ASP A 77 21.26 -27.42 32.42
C ASP A 77 20.77 -26.79 33.72
N ILE A 78 19.65 -26.05 33.66
CA ILE A 78 19.15 -25.26 34.77
C ILE A 78 18.22 -26.14 35.59
N PRO A 79 18.52 -26.42 36.85
CA PRO A 79 17.65 -27.31 37.65
C PRO A 79 16.33 -26.63 37.96
N ASP A 80 15.36 -27.45 38.39
CA ASP A 80 14.15 -26.90 38.97
C ASP A 80 14.46 -26.22 40.31
N PRO A 81 13.90 -25.02 40.56
CA PRO A 81 14.23 -24.32 41.81
C PRO A 81 13.92 -25.11 43.08
N GLU A 82 13.10 -26.16 42.99
CA GLU A 82 12.82 -26.98 44.16
C GLU A 82 14.07 -27.66 44.72
N VAL A 83 15.17 -27.67 43.96
CA VAL A 83 16.41 -28.22 44.49
C VAL A 83 17.00 -27.34 45.58
N ASN A 84 16.50 -26.11 45.76
CA ASN A 84 16.88 -25.26 46.88
C ASN A 84 18.39 -24.99 46.86
N TRP A 85 18.81 -24.25 45.82
CA TRP A 85 20.21 -24.05 45.48
C TRP A 85 20.52 -22.56 45.33
N ILE A 86 21.59 -22.12 45.98
CA ILE A 86 22.21 -20.81 45.79
C ILE A 86 23.54 -21.03 45.08
N PRO A 87 23.61 -20.85 43.75
CA PRO A 87 24.87 -21.14 43.05
C PRO A 87 26.07 -20.38 43.61
N CYS A 88 25.87 -19.17 44.14
CA CYS A 88 27.00 -18.41 44.64
C CYS A 88 27.75 -19.16 45.73
N ASN A 89 27.02 -19.83 46.62
CA ASN A 89 27.56 -20.47 47.84
C ASN A 89 27.93 -21.93 47.62
N ASN A 90 27.10 -22.67 46.88
CA ASN A 90 27.41 -24.01 46.46
C ASN A 90 27.65 -24.04 44.95
N ARG A 91 28.78 -23.49 44.51
CA ARG A 91 29.14 -23.76 43.14
C ARG A 91 29.55 -25.22 43.08
N ASN A 92 29.54 -25.77 41.88
CA ASN A 92 29.92 -27.16 41.69
C ASN A 92 28.90 -28.16 42.17
N ARG A 93 27.76 -27.73 42.71
CA ARG A 93 26.71 -28.69 43.02
C ARG A 93 26.23 -29.41 41.77
N PHE A 94 26.10 -28.70 40.62
CA PHE A 94 25.55 -29.33 39.44
C PHE A 94 26.43 -29.39 38.20
N GLY A 95 27.54 -28.65 38.13
CA GLY A 95 28.46 -28.79 37.01
C GLY A 95 28.24 -27.82 35.84
N GLN A 96 29.29 -27.13 35.41
CA GLN A 96 29.20 -26.26 34.24
C GLN A 96 28.03 -25.28 34.35
N THR A 97 27.88 -24.66 35.53
CA THR A 97 26.87 -23.61 35.62
C THR A 97 27.45 -22.23 35.91
N PRO A 98 28.49 -21.79 35.17
CA PRO A 98 29.09 -20.48 35.49
C PRO A 98 28.15 -19.30 35.35
N VAL A 99 27.24 -19.29 34.35
CA VAL A 99 26.38 -18.13 34.16
C VAL A 99 25.35 -18.04 35.29
N GLN A 100 24.73 -19.17 35.62
CA GLN A 100 23.90 -19.20 36.82
C GLN A 100 24.70 -18.76 38.04
N GLU A 101 25.95 -19.19 38.14
CA GLU A 101 26.74 -18.83 39.31
C GLU A 101 26.92 -17.33 39.40
N ARG A 102 27.28 -16.71 38.27
CA ARG A 102 27.53 -15.27 38.29
C ARG A 102 26.23 -14.49 38.51
N LEU A 103 25.12 -14.94 37.94
CA LEU A 103 23.85 -14.29 38.24
C LEU A 103 23.52 -14.40 39.74
N SER A 104 23.68 -15.59 40.32
CA SER A 104 23.46 -15.78 41.74
C SER A 104 24.30 -14.81 42.56
N CYS A 105 25.58 -14.70 42.22
CA CYS A 105 26.46 -13.84 42.98
C CYS A 105 26.08 -12.37 42.83
N LEU A 106 25.65 -11.97 41.63
CA LEU A 106 25.19 -10.60 41.44
C LEU A 106 23.97 -10.30 42.31
N ALA A 107 23.05 -11.27 42.38
CA ALA A 107 21.86 -11.08 43.21
C ALA A 107 22.23 -11.01 44.68
N LYS A 108 23.20 -11.83 45.12
CA LYS A 108 23.53 -11.96 46.55
C LYS A 108 24.40 -10.82 47.06
N ASN A 109 25.51 -10.54 46.37
CA ASN A 109 26.43 -9.49 46.82
C ASN A 109 25.77 -8.11 46.78
N ASN A 110 24.76 -7.95 45.95
CA ASN A 110 24.06 -6.67 45.86
C ASN A 110 22.67 -6.71 46.51
N SER A 111 22.31 -7.81 47.18
CA SER A 111 21.04 -7.92 47.93
C SER A 111 19.87 -7.33 47.12
N ILE A 112 19.65 -7.93 45.96
CA ILE A 112 18.62 -7.49 45.00
C ILE A 112 18.16 -8.69 44.20
N TYR A 113 16.86 -8.80 44.00
CA TYR A 113 16.32 -9.81 43.10
C TYR A 113 16.80 -9.52 41.68
N VAL A 114 17.25 -10.56 40.99
CA VAL A 114 17.77 -10.44 39.63
C VAL A 114 16.91 -11.35 38.73
N VAL A 115 16.33 -10.77 37.67
CA VAL A 115 15.62 -11.51 36.63
C VAL A 115 16.45 -11.42 35.36
N ALA A 116 16.86 -12.57 34.82
CA ALA A 116 17.68 -12.57 33.62
C ALA A 116 17.16 -13.63 32.67
N ASN A 117 17.54 -13.51 31.41
CA ASN A 117 17.14 -14.45 30.38
C ASN A 117 18.39 -15.16 29.83
N ILE A 118 18.34 -16.49 29.81
CA ILE A 118 19.48 -17.31 29.40
C ILE A 118 18.92 -18.55 28.70
N GLY A 119 19.80 -19.49 28.35
CA GLY A 119 19.41 -20.67 27.60
C GLY A 119 19.50 -21.93 28.46
N ASP A 120 18.40 -22.68 28.48
CA ASP A 120 18.33 -23.96 29.18
C ASP A 120 18.51 -25.11 28.19
N LYS A 121 19.27 -26.11 28.59
CA LYS A 121 19.36 -27.35 27.83
C LYS A 121 18.93 -28.50 28.73
N LYS A 122 18.13 -29.41 28.18
CA LYS A 122 17.56 -30.53 28.93
C LYS A 122 17.77 -31.79 28.10
N PRO A 123 18.78 -32.61 28.43
CA PRO A 123 18.99 -33.85 27.67
C PRO A 123 17.79 -34.77 27.77
N CYS A 124 17.53 -35.49 26.66
CA CYS A 124 16.47 -36.48 26.64
C CYS A 124 16.93 -37.71 25.85
N ASP A 125 16.31 -38.83 26.18
CA ASP A 125 16.59 -40.12 25.60
C ASP A 125 15.49 -40.49 24.61
N THR A 126 15.77 -41.51 23.79
CA THR A 126 14.71 -42.04 22.94
C THR A 126 13.56 -42.58 23.77
N SER A 127 13.83 -42.89 25.05
CA SER A 127 12.75 -43.20 25.99
C SER A 127 11.64 -42.15 25.92
N ASP A 128 11.99 -40.89 25.66
CA ASP A 128 11.01 -39.81 25.62
C ASP A 128 10.39 -39.72 24.22
N PRO A 129 9.07 -39.87 24.09
CA PRO A 129 8.47 -39.87 22.74
C PRO A 129 8.60 -38.55 22.00
N GLN A 130 8.83 -37.43 22.70
CA GLN A 130 9.00 -36.15 22.03
C GLN A 130 10.40 -35.58 22.16
N CYS A 131 11.38 -36.41 22.41
CA CYS A 131 12.75 -35.94 22.41
C CYS A 131 13.12 -35.48 21.00
N PRO A 132 13.65 -34.26 20.84
CA PRO A 132 14.04 -33.81 19.51
C PRO A 132 15.10 -34.71 18.93
N PRO A 133 15.17 -34.81 17.59
CA PRO A 133 16.12 -35.74 16.97
C PRO A 133 17.57 -35.52 17.38
N ASP A 134 17.96 -34.32 17.80
CA ASP A 134 19.33 -34.06 18.17
C ASP A 134 19.60 -34.22 19.67
N GLY A 135 18.66 -34.83 20.41
CA GLY A 135 18.95 -35.40 21.70
C GLY A 135 18.74 -34.50 22.90
N ARG A 136 18.16 -33.32 22.73
CA ARG A 136 17.95 -32.46 23.88
C ARG A 136 16.90 -31.41 23.53
N TYR A 137 16.22 -30.91 24.56
CA TYR A 137 15.42 -29.71 24.44
C TYR A 137 16.30 -28.50 24.70
N GLN A 138 16.02 -27.41 23.98
CA GLN A 138 16.66 -26.13 24.28
C GLN A 138 15.57 -25.09 24.49
N TYR A 139 15.61 -24.40 25.63
CA TYR A 139 14.54 -23.49 26.01
C TYR A 139 15.07 -22.08 26.22
N ASN A 140 14.25 -21.10 25.81
CA ASN A 140 14.41 -19.68 26.11
C ASN A 140 13.90 -19.46 27.54
N THR A 141 14.81 -19.13 28.47
CA THR A 141 14.55 -19.36 29.89
C THR A 141 14.77 -18.10 30.68
N ASP A 142 13.75 -17.66 31.40
CA ASP A 142 13.95 -16.67 32.46
C ASP A 142 14.37 -17.37 33.77
N VAL A 143 15.38 -16.80 34.44
CA VAL A 143 15.76 -17.25 35.78
C VAL A 143 15.70 -16.06 36.73
N VAL A 144 15.21 -16.34 37.94
CA VAL A 144 15.13 -15.34 39.00
C VAL A 144 15.96 -15.82 40.17
N PHE A 145 16.82 -14.95 40.69
CA PHE A 145 17.57 -15.20 41.91
C PHE A 145 17.14 -14.17 42.94
N ASP A 146 16.87 -14.63 44.16
CA ASP A 146 16.42 -13.71 45.21
C ASP A 146 17.63 -12.96 45.78
N SER A 147 17.37 -12.08 46.75
CA SER A 147 18.42 -11.25 47.30
C SER A 147 19.48 -12.04 48.05
N GLN A 148 19.24 -13.32 48.35
CA GLN A 148 20.32 -14.16 48.88
C GLN A 148 21.07 -14.88 47.76
N GLY A 149 20.60 -14.78 46.51
CA GLY A 149 21.22 -15.53 45.44
C GLY A 149 20.62 -16.89 45.23
N LYS A 150 19.46 -17.16 45.78
CA LYS A 150 18.80 -18.44 45.57
C LYS A 150 18.08 -18.47 44.23
N LEU A 151 18.07 -19.65 43.61
CA LEU A 151 17.29 -19.85 42.39
C LEU A 151 15.85 -20.02 42.82
N VAL A 152 15.00 -19.04 42.53
CA VAL A 152 13.61 -19.09 42.98
C VAL A 152 12.61 -19.23 41.85
N ALA A 153 13.02 -19.13 40.59
CA ALA A 153 12.06 -19.34 39.51
C ALA A 153 12.79 -19.59 38.19
N ARG A 154 12.26 -20.51 37.40
CA ARG A 154 12.77 -20.82 36.07
C ARG A 154 11.58 -20.96 35.13
N TYR A 155 11.55 -20.19 34.04
CA TYR A 155 10.42 -20.19 33.12
C TYR A 155 10.89 -20.37 31.67
N HIS A 156 10.36 -21.41 31.02
CA HIS A 156 10.64 -21.67 29.60
C HIS A 156 9.57 -20.99 28.73
N LYS A 157 10.02 -20.11 27.83
CA LYS A 157 9.13 -19.31 27.01
C LYS A 157 8.15 -20.21 26.25
N GLN A 158 6.87 -19.95 26.43
CA GLN A 158 5.85 -20.81 25.85
C GLN A 158 5.57 -20.47 24.39
N ASN A 159 5.47 -19.19 24.08
CA ASN A 159 5.04 -18.69 22.79
C ASN A 159 6.26 -18.17 22.03
N LEU A 160 6.84 -19.03 21.19
CA LEU A 160 8.03 -18.66 20.42
C LEU A 160 7.66 -17.75 19.27
N PHE A 161 8.44 -16.68 19.09
CA PHE A 161 8.30 -15.79 17.95
C PHE A 161 9.01 -16.41 16.74
N MET A 162 8.60 -15.97 15.54
CA MET A 162 9.28 -16.40 14.33
C MET A 162 10.77 -16.06 14.41
N GLY A 163 11.61 -16.91 13.83
CA GLY A 163 13.04 -16.73 13.96
C GLY A 163 13.63 -17.27 15.23
N GLU A 164 12.83 -17.95 16.06
CA GLU A 164 13.33 -18.62 17.25
C GLU A 164 13.47 -20.13 17.04
N ASN A 165 14.00 -20.55 15.90
CA ASN A 165 14.13 -21.98 15.61
C ASN A 165 15.19 -22.67 16.47
N GLN A 166 16.00 -21.92 17.21
CA GLN A 166 16.95 -22.55 18.12
C GLN A 166 16.28 -23.13 19.36
N PHE A 167 15.01 -22.81 19.63
CA PHE A 167 14.36 -23.16 20.88
C PHE A 167 13.23 -24.17 20.66
N ASN A 168 12.92 -24.92 21.72
CA ASN A 168 11.76 -25.78 21.71
C ASN A 168 10.64 -25.16 22.55
N VAL A 169 9.43 -25.70 22.38
CA VAL A 169 8.25 -25.26 23.13
C VAL A 169 7.98 -26.26 24.26
N PRO A 170 7.73 -25.81 25.50
CA PRO A 170 7.40 -26.76 26.56
C PRO A 170 6.16 -27.59 26.22
N LYS A 171 6.17 -28.85 26.65
CA LYS A 171 5.02 -29.73 26.42
C LYS A 171 3.74 -29.08 26.94
N GLU A 172 3.81 -28.43 28.10
CA GLU A 172 2.68 -27.70 28.66
C GLU A 172 3.13 -26.30 29.07
N PRO A 173 2.22 -25.33 29.08
CA PRO A 173 2.59 -23.98 29.52
C PRO A 173 2.98 -23.98 31.00
N GLU A 174 4.03 -23.21 31.31
CA GLU A 174 4.59 -23.16 32.65
C GLU A 174 4.09 -21.90 33.35
N ILE A 175 3.27 -22.09 34.40
CA ILE A 175 2.80 -20.99 35.24
C ILE A 175 3.80 -20.86 36.37
N VAL A 176 4.67 -19.86 36.29
CA VAL A 176 5.80 -19.71 37.18
C VAL A 176 5.62 -18.41 37.96
N THR A 177 5.65 -18.52 39.29
CA THR A 177 5.55 -17.39 40.18
C THR A 177 6.62 -17.52 41.25
N PHE A 178 6.87 -16.40 41.94
CA PHE A 178 7.66 -16.40 43.16
C PHE A 178 7.10 -15.34 44.08
N ASN A 179 7.12 -15.61 45.40
CA ASN A 179 6.54 -14.74 46.41
C ASN A 179 7.66 -14.00 47.16
N THR A 180 7.36 -12.78 47.58
CA THR A 180 8.35 -11.93 48.24
C THR A 180 7.67 -11.07 49.29
N THR A 181 8.51 -10.47 50.15
CA THR A 181 8.01 -9.52 51.14
C THR A 181 7.37 -8.29 50.50
N PHE A 182 7.60 -8.07 49.20
CA PHE A 182 6.97 -6.98 48.46
C PHE A 182 6.06 -7.50 47.33
N GLY A 183 5.43 -8.65 47.51
CA GLY A 183 4.34 -9.07 46.66
C GLY A 183 4.59 -10.41 45.98
N SER A 184 3.53 -10.89 45.33
CA SER A 184 3.59 -12.10 44.52
C SER A 184 3.87 -11.75 43.06
N PHE A 185 4.86 -12.41 42.45
CA PHE A 185 5.34 -12.06 41.12
C PHE A 185 5.10 -13.20 40.14
N GLY A 186 4.67 -12.84 38.92
CA GLY A 186 4.61 -13.78 37.82
C GLY A 186 5.58 -13.40 36.73
N ILE A 187 5.96 -14.37 35.89
CA ILE A 187 6.97 -14.14 34.86
C ILE A 187 6.53 -14.74 33.52
N PHE A 188 6.76 -13.99 32.44
CA PHE A 188 6.67 -14.49 31.06
C PHE A 188 7.55 -13.59 30.20
N THR A 189 7.69 -13.96 28.92
CA THR A 189 8.73 -13.42 28.05
C THR A 189 8.15 -12.86 26.75
N CYS A 190 8.41 -11.59 26.49
CA CYS A 190 8.15 -10.94 25.19
C CYS A 190 6.82 -11.35 24.56
N PHE A 191 6.89 -12.17 23.51
CA PHE A 191 5.70 -12.51 22.72
C PHE A 191 4.58 -13.06 23.60
N ASP A 192 4.94 -13.66 24.75
CA ASP A 192 3.95 -14.24 25.64
C ASP A 192 2.85 -13.26 25.96
N ILE A 193 3.18 -11.96 26.03
CA ILE A 193 2.20 -10.98 26.47
C ILE A 193 0.96 -10.94 25.55
N LEU A 194 1.06 -11.48 24.34
CA LEU A 194 -0.09 -11.42 23.44
C LEU A 194 -1.02 -12.61 23.56
N PHE A 195 -0.74 -13.55 24.47
CA PHE A 195 -1.47 -14.82 24.54
C PHE A 195 -2.00 -15.06 25.95
N HIS A 196 -2.79 -16.13 26.07
CA HIS A 196 -3.48 -16.42 27.33
C HIS A 196 -2.56 -17.12 28.33
N ASP A 197 -1.71 -18.02 27.85
CA ASP A 197 -0.93 -18.88 28.71
C ASP A 197 0.55 -18.61 28.50
N PRO A 198 1.31 -18.33 29.58
CA PRO A 198 0.86 -18.25 30.97
C PRO A 198 0.30 -16.88 31.34
N ALA A 199 0.47 -15.88 30.47
CA ALA A 199 0.34 -14.49 30.88
C ALA A 199 -1.00 -14.19 31.54
N VAL A 200 -2.10 -14.66 30.93
CA VAL A 200 -3.40 -14.33 31.50
C VAL A 200 -3.71 -15.23 32.70
N THR A 201 -3.27 -16.49 32.67
CA THR A 201 -3.47 -17.38 33.82
C THR A 201 -2.81 -16.83 35.08
N LEU A 202 -1.62 -16.26 34.94
CA LEU A 202 -0.93 -15.67 36.07
C LEU A 202 -1.80 -14.64 36.77
N VAL A 203 -2.46 -13.77 36.00
CA VAL A 203 -3.25 -12.70 36.61
C VAL A 203 -4.59 -13.24 37.11
N LYS A 204 -5.30 -13.97 36.25
CA LYS A 204 -6.68 -14.36 36.51
C LYS A 204 -6.79 -15.51 37.52
N ASP A 205 -5.86 -16.46 37.47
CA ASP A 205 -5.95 -17.63 38.34
C ASP A 205 -5.03 -17.57 39.55
N PHE A 206 -3.82 -17.03 39.37
CA PHE A 206 -2.83 -17.01 40.43
C PHE A 206 -2.70 -15.64 41.08
N HIS A 207 -3.39 -14.62 40.54
CA HIS A 207 -3.59 -13.35 41.23
C HIS A 207 -2.28 -12.66 41.60
N VAL A 208 -1.27 -12.77 40.74
CA VAL A 208 0.00 -12.12 41.04
C VAL A 208 -0.20 -10.61 41.11
N ASP A 209 0.63 -9.95 41.93
CA ASP A 209 0.62 -8.49 42.01
C ASP A 209 1.50 -7.86 40.94
N THR A 210 2.60 -8.51 40.56
CA THR A 210 3.59 -7.90 39.68
C THR A 210 4.11 -8.92 38.68
N ILE A 211 4.22 -8.49 37.41
CA ILE A 211 4.83 -9.27 36.33
C ILE A 211 6.25 -8.76 36.12
N VAL A 212 7.21 -9.68 35.97
CA VAL A 212 8.55 -9.35 35.51
C VAL A 212 8.67 -9.86 34.08
N PHE A 213 9.25 -9.04 33.20
CA PHE A 213 9.03 -9.18 31.76
C PHE A 213 10.31 -8.85 30.99
N PRO A 214 11.19 -9.83 30.85
CA PRO A 214 12.30 -9.68 29.89
C PRO A 214 11.75 -9.76 28.46
N THR A 215 12.23 -8.86 27.61
CA THR A 215 11.67 -8.76 26.27
C THR A 215 12.75 -8.32 25.28
N ALA A 216 12.63 -8.84 24.04
CA ALA A 216 13.40 -8.34 22.88
C ALA A 216 12.38 -7.98 21.82
N TRP A 217 11.74 -6.84 21.99
CA TRP A 217 10.52 -6.48 21.27
C TRP A 217 10.87 -5.52 20.15
N MET A 218 10.37 -5.82 18.95
CA MET A 218 10.53 -4.98 17.76
C MET A 218 9.23 -4.19 17.57
N ASN A 219 9.32 -2.88 17.74
CA ASN A 219 8.13 -2.04 17.72
C ASN A 219 7.40 -2.08 16.37
N VAL A 220 6.09 -2.26 16.44
CA VAL A 220 5.24 -2.27 15.27
C VAL A 220 4.14 -1.25 15.56
N LEU A 221 4.31 -0.04 15.03
CA LEU A 221 3.28 0.97 15.17
C LEU A 221 2.10 0.63 14.27
N PRO A 222 0.92 1.16 14.56
CA PRO A 222 0.62 2.13 15.64
C PRO A 222 0.18 1.56 16.98
N HIS A 223 -0.01 0.24 17.10
CA HIS A 223 -0.58 -0.36 18.30
C HIS A 223 0.42 -1.21 19.10
N LEU A 224 1.53 -1.62 18.51
CA LEU A 224 2.44 -2.56 19.16
C LEU A 224 3.84 -1.98 19.28
N SER A 225 3.93 -0.71 19.66
CA SER A 225 5.18 -0.18 20.19
C SER A 225 5.38 -0.74 21.60
N ALA A 226 6.64 -1.00 21.97
CA ALA A 226 6.89 -1.72 23.21
C ALA A 226 6.22 -1.03 24.41
N VAL A 227 6.63 0.21 24.71
CA VAL A 227 6.10 0.90 25.89
C VAL A 227 4.60 1.02 25.80
N GLU A 228 4.07 1.35 24.61
CA GLU A 228 2.65 1.57 24.43
C GLU A 228 1.85 0.32 24.82
N PHE A 229 2.17 -0.81 24.21
CA PHE A 229 1.38 -2.00 24.46
C PHE A 229 1.68 -2.62 25.84
N HIS A 230 2.92 -2.57 26.32
CA HIS A 230 3.19 -3.16 27.64
C HIS A 230 2.48 -2.40 28.76
N SER A 231 2.63 -1.07 28.79
CA SER A 231 1.90 -0.31 29.80
C SER A 231 0.38 -0.48 29.62
N ALA A 232 -0.12 -0.50 28.37
CA ALA A 232 -1.56 -0.74 28.20
C ALA A 232 -1.96 -2.08 28.80
N TRP A 233 -1.15 -3.12 28.59
CA TRP A 233 -1.45 -4.45 29.15
C TRP A 233 -1.47 -4.43 30.68
N ALA A 234 -0.46 -3.79 31.29
CA ALA A 234 -0.43 -3.71 32.75
C ALA A 234 -1.66 -2.98 33.27
N MET A 235 -2.13 -1.96 32.53
CA MET A 235 -3.30 -1.22 32.97
C MET A 235 -4.56 -2.07 32.88
N GLY A 236 -4.72 -2.80 31.77
CA GLY A 236 -5.91 -3.61 31.60
C GLY A 236 -5.96 -4.80 32.53
N MET A 237 -4.82 -5.48 32.73
CA MET A 237 -4.75 -6.64 33.62
C MET A 237 -4.69 -6.27 35.08
N ARG A 238 -4.35 -5.02 35.39
CA ARG A 238 -4.33 -4.49 36.75
C ARG A 238 -3.20 -5.10 37.59
N VAL A 239 -1.98 -5.08 37.04
CA VAL A 239 -0.79 -5.49 37.77
C VAL A 239 0.32 -4.48 37.51
N ASN A 240 1.28 -4.42 38.44
CA ASN A 240 2.56 -3.82 38.16
C ASN A 240 3.27 -4.63 37.06
N PHE A 241 4.22 -3.98 36.40
CA PHE A 241 4.84 -4.57 35.22
C PHE A 241 6.25 -4.00 35.07
N LEU A 242 7.25 -4.88 35.02
CA LEU A 242 8.64 -4.47 34.86
C LEU A 242 9.11 -5.00 33.50
N ALA A 243 9.13 -4.12 32.50
CA ALA A 243 9.51 -4.47 31.13
C ALA A 243 10.95 -4.05 30.89
N SER A 244 11.79 -5.03 30.57
CA SER A 244 13.21 -4.83 30.33
C SER A 244 13.49 -5.23 28.89
N ASN A 245 13.83 -4.26 28.04
CA ASN A 245 13.89 -4.45 26.60
C ASN A 245 15.33 -4.32 26.11
N ILE A 246 15.62 -5.08 25.05
CA ILE A 246 16.88 -4.91 24.32
C ILE A 246 16.93 -3.53 23.70
N HIS A 247 18.13 -2.97 23.59
CA HIS A 247 18.34 -1.71 22.87
C HIS A 247 19.07 -2.03 21.57
N TYR A 248 18.35 -1.89 20.44
CA TYR A 248 18.87 -2.19 19.12
C TYR A 248 18.02 -1.46 18.09
N PRO A 249 18.19 -0.14 17.96
CA PRO A 249 17.32 0.65 17.07
C PRO A 249 17.23 0.11 15.65
N SER A 250 18.35 -0.33 15.08
CA SER A 250 18.42 -0.99 13.78
C SER A 250 17.25 -1.94 13.57
N LYS A 251 16.86 -2.70 14.59
CA LYS A 251 15.74 -3.62 14.51
C LYS A 251 14.51 -3.08 15.23
N LYS A 252 14.45 -1.77 15.48
CA LYS A 252 13.33 -1.18 16.18
C LYS A 252 13.13 -1.77 17.58
N MET A 253 14.23 -2.12 18.23
CA MET A 253 14.21 -2.61 19.61
C MET A 253 14.53 -1.43 20.52
N THR A 254 13.50 -0.93 21.18
CA THR A 254 13.65 0.09 22.20
C THR A 254 12.30 0.32 22.85
N GLY A 255 12.34 0.61 24.15
CA GLY A 255 11.17 0.80 24.99
C GLY A 255 11.16 -0.14 26.18
N SER A 256 11.53 0.45 27.33
CA SER A 256 11.60 -0.27 28.59
C SER A 256 10.80 0.52 29.59
N GLY A 257 10.30 -0.14 30.64
CA GLY A 257 9.58 0.67 31.60
C GLY A 257 9.13 -0.06 32.84
N ILE A 258 8.63 0.76 33.77
CA ILE A 258 7.96 0.29 34.97
C ILE A 258 6.56 0.86 34.92
N TYR A 259 5.58 -0.03 34.95
CA TYR A 259 4.18 0.33 34.79
C TYR A 259 3.40 -0.16 36.00
N ALA A 260 2.38 0.60 36.36
CA ALA A 260 1.52 0.28 37.48
C ALA A 260 0.08 0.18 36.98
N PRO A 261 -0.81 -0.42 37.75
CA PRO A 261 -2.20 -0.54 37.29
C PRO A 261 -2.84 0.79 36.94
N ASN A 262 -2.48 1.86 37.66
CA ASN A 262 -3.12 3.15 37.48
C ASN A 262 -2.42 4.04 36.45
N SER A 263 -1.18 3.73 36.09
CA SER A 263 -0.46 4.61 35.18
C SER A 263 0.94 4.05 34.93
N SER A 264 1.56 4.53 33.85
CA SER A 264 2.99 4.31 33.68
C SER A 264 3.76 5.12 34.72
N ARG A 265 4.74 4.49 35.35
CA ARG A 265 5.54 5.17 36.36
C ARG A 265 6.91 5.60 35.83
N ALA A 266 7.47 4.84 34.90
CA ALA A 266 8.69 5.26 34.21
C ALA A 266 8.76 4.56 32.87
N PHE A 267 9.33 5.24 31.88
CA PHE A 267 9.49 4.60 30.59
C PHE A 267 10.68 5.22 29.86
N HIS A 268 11.23 4.45 28.93
CA HIS A 268 12.37 4.84 28.11
C HIS A 268 12.12 4.41 26.67
N TYR A 269 12.42 5.31 25.74
CA TYR A 269 12.34 5.06 24.30
C TYR A 269 13.42 5.89 23.63
N ASP A 270 14.34 5.22 22.94
CA ASP A 270 15.50 5.92 22.35
C ASP A 270 15.88 5.24 21.05
N MET A 271 15.57 5.88 19.91
CA MET A 271 15.98 5.44 18.58
C MET A 271 17.28 6.06 18.10
N LYS A 272 17.78 7.08 18.81
CA LYS A 272 18.89 7.90 18.32
C LYS A 272 20.27 7.36 18.68
N THR A 273 20.47 6.91 19.92
CA THR A 273 21.78 6.47 20.41
C THR A 273 21.82 4.94 20.57
N GLU A 274 23.00 4.42 20.91
CA GLU A 274 23.14 3.00 21.19
C GLU A 274 23.32 2.70 22.68
N GLU A 275 23.01 3.65 23.55
CA GLU A 275 23.27 3.48 24.98
C GLU A 275 22.16 2.68 25.66
N GLY A 276 22.54 1.94 26.70
CA GLY A 276 21.57 1.36 27.61
C GLY A 276 21.04 2.42 28.55
N LYS A 277 20.07 2.01 29.38
CA LYS A 277 19.43 2.95 30.29
C LYS A 277 18.81 2.16 31.44
N LEU A 278 19.12 2.58 32.68
CA LEU A 278 18.56 2.00 33.90
C LEU A 278 17.40 2.88 34.38
N LEU A 279 16.26 2.25 34.61
CA LEU A 279 15.06 2.92 35.10
C LEU A 279 14.70 2.37 36.46
N LEU A 280 14.32 3.27 37.37
CA LEU A 280 13.91 2.93 38.72
C LEU A 280 12.58 3.62 39.05
N SER A 281 11.76 2.94 39.84
CA SER A 281 10.50 3.55 40.26
C SER A 281 9.92 2.80 41.45
N GLN A 282 9.26 3.56 42.33
CA GLN A 282 8.55 3.01 43.47
C GLN A 282 7.25 2.39 43.03
N LEU A 283 6.91 1.23 43.60
CA LEU A 283 5.63 0.58 43.32
C LEU A 283 5.02 0.11 44.62
N ASP A 284 3.68 0.07 44.67
CA ASP A 284 2.99 -0.58 45.77
C ASP A 284 3.09 -2.09 45.65
N SER A 285 3.38 -2.76 46.76
CA SER A 285 3.43 -4.21 46.78
C SER A 285 2.09 -4.83 46.40
N HIS A 286 0.98 -4.27 46.91
CA HIS A 286 -0.37 -4.72 46.60
C HIS A 286 -1.25 -3.56 46.15
N PRO A 287 -1.27 -3.23 44.85
CA PRO A 287 -2.07 -2.08 44.34
C PRO A 287 -3.60 -2.19 44.44
N SER A 288 -4.26 -1.04 44.40
CA SER A 288 -5.69 -1.19 44.22
C SER A 288 -6.05 -1.22 42.75
N HIS A 289 -7.10 -1.96 42.53
CA HIS A 289 -7.94 -2.03 41.37
C HIS A 289 -9.21 -1.24 41.69
N SER A 290 -9.54 -0.29 40.81
CA SER A 290 -10.84 0.31 40.76
C SER A 290 -11.87 -0.75 40.37
N ALA A 291 -13.15 -0.38 40.41
CA ALA A 291 -14.17 -1.32 39.95
C ALA A 291 -13.79 -1.85 38.58
N VAL A 292 -14.03 -3.15 38.36
CA VAL A 292 -13.77 -3.73 37.05
C VAL A 292 -14.65 -3.03 36.03
N VAL A 293 -14.22 -3.07 34.78
CA VAL A 293 -14.83 -2.34 33.70
C VAL A 293 -15.64 -3.32 32.85
N ASN A 294 -16.87 -2.93 32.49
CA ASN A 294 -17.63 -3.60 31.44
C ASN A 294 -17.29 -2.88 30.13
N TRP A 295 -16.42 -3.48 29.32
CA TRP A 295 -15.83 -2.78 28.17
C TRP A 295 -16.85 -2.49 27.06
N THR A 296 -18.00 -3.13 27.08
CA THR A 296 -19.04 -2.90 26.07
C THR A 296 -20.26 -2.19 26.62
N SER A 297 -20.29 -1.88 27.91
CA SER A 297 -21.48 -1.31 28.53
C SER A 297 -21.89 0.00 27.85
N TYR A 298 -21.04 1.03 27.96
CA TYR A 298 -21.39 2.30 27.35
C TYR A 298 -21.60 2.13 25.86
N ALA A 299 -20.62 1.52 25.18
CA ALA A 299 -20.69 1.42 23.72
C ALA A 299 -21.98 0.72 23.29
N SER A 300 -22.42 -0.27 24.07
CA SER A 300 -23.69 -0.91 23.78
C SER A 300 -24.88 -0.04 24.18
N SER A 301 -24.63 1.06 24.91
CA SER A 301 -25.70 1.94 25.33
C SER A 301 -25.98 3.11 24.38
N ILE A 302 -25.19 3.36 23.35
CA ILE A 302 -25.48 4.47 22.44
C ILE A 302 -26.08 3.91 21.17
N GLU A 303 -26.66 4.80 20.37
CA GLU A 303 -26.81 4.54 18.95
C GLU A 303 -25.69 5.27 18.22
N ALA A 304 -25.53 4.97 16.94
CA ALA A 304 -24.35 5.44 16.23
C ALA A 304 -24.24 6.95 16.25
N LEU A 305 -23.05 7.45 16.60
CA LEU A 305 -22.84 8.89 16.66
C LEU A 305 -22.83 9.52 15.27
N SER A 306 -22.68 8.72 14.22
CA SER A 306 -22.68 9.20 12.84
C SER A 306 -23.23 8.11 11.94
N SER A 307 -23.75 8.52 10.78
CA SER A 307 -24.43 7.61 9.87
C SER A 307 -24.23 8.10 8.44
N GLY A 308 -24.24 7.16 7.51
CA GLY A 308 -23.88 7.45 6.13
C GLY A 308 -22.48 8.00 5.98
N ASN A 309 -21.51 7.40 6.68
CA ASN A 309 -20.12 7.82 6.55
C ASN A 309 -19.55 7.37 5.20
N LYS A 310 -18.48 8.05 4.78
CA LYS A 310 -17.60 7.55 3.72
C LYS A 310 -16.54 6.69 4.42
N GLU A 311 -16.82 5.40 4.51
CA GLU A 311 -15.88 4.43 5.06
C GLU A 311 -14.98 3.87 3.96
N PHE A 312 -13.81 3.38 4.39
CA PHE A 312 -12.83 2.83 3.46
C PHE A 312 -11.94 1.84 4.20
N LYS A 313 -11.29 0.95 3.46
CA LYS A 313 -10.41 -0.02 4.08
C LYS A 313 -8.99 0.53 4.14
N GLY A 314 -8.33 0.32 5.28
CA GLY A 314 -6.93 0.69 5.38
C GLY A 314 -6.16 -0.24 6.28
N THR A 315 -4.91 -0.60 5.95
CA THR A 315 -4.22 -1.77 6.52
C THR A 315 -3.32 -1.35 7.68
N VAL A 316 -3.60 -1.94 8.86
CA VAL A 316 -2.81 -1.82 10.10
C VAL A 316 -2.24 -3.20 10.43
N PHE A 317 -0.92 -3.35 10.35
CA PHE A 317 -0.20 -4.59 10.69
C PHE A 317 -0.79 -5.80 9.96
N PHE A 318 -1.05 -5.65 8.67
CA PHE A 318 -1.59 -6.71 7.82
C PHE A 318 -3.01 -7.10 8.19
N ASP A 319 -3.66 -6.30 9.02
CA ASP A 319 -5.05 -6.49 9.39
C ASP A 319 -5.81 -5.38 8.65
N GLU A 320 -6.94 -5.71 8.04
CA GLU A 320 -7.64 -4.68 7.23
C GLU A 320 -8.74 -4.01 8.07
N PHE A 321 -8.47 -2.82 8.61
CA PHE A 321 -9.54 -2.13 9.33
C PHE A 321 -10.57 -1.41 8.41
N THR A 322 -11.79 -1.21 8.95
CA THR A 322 -12.76 -0.30 8.34
C THR A 322 -12.60 1.08 8.97
N PHE A 323 -12.27 2.08 8.16
CA PHE A 323 -11.95 3.43 8.61
C PHE A 323 -13.00 4.44 8.16
N VAL A 324 -13.19 5.47 8.97
CA VAL A 324 -13.86 6.71 8.56
C VAL A 324 -12.90 7.85 8.83
N LYS A 325 -12.76 8.73 7.86
CA LYS A 325 -11.84 9.85 7.99
C LYS A 325 -12.43 10.91 8.90
N LEU A 326 -11.58 11.51 9.74
CA LEU A 326 -12.00 12.59 10.61
C LEU A 326 -11.87 13.89 9.83
N THR A 327 -12.99 14.60 9.63
CA THR A 327 -12.95 15.81 8.82
C THR A 327 -12.96 17.08 9.67
N GLY A 328 -13.93 17.22 10.57
CA GLY A 328 -13.98 18.40 11.38
C GLY A 328 -12.86 18.45 12.39
N VAL A 329 -12.54 19.66 12.84
CA VAL A 329 -11.61 19.87 13.95
C VAL A 329 -12.17 19.28 15.23
N ALA A 330 -13.48 19.01 15.25
CA ALA A 330 -14.12 18.29 16.34
C ALA A 330 -15.25 17.48 15.74
N GLY A 331 -15.63 16.41 16.42
CA GLY A 331 -16.69 15.56 15.87
C GLY A 331 -17.04 14.39 16.77
N ASN A 332 -18.17 13.77 16.41
CA ASN A 332 -18.63 12.50 16.96
C ASN A 332 -18.79 11.52 15.81
N TYR A 333 -18.02 10.43 15.83
CA TYR A 333 -17.98 9.44 14.76
C TYR A 333 -18.19 8.04 15.33
N THR A 334 -18.87 7.19 14.55
CA THR A 334 -19.03 5.78 14.88
C THR A 334 -18.62 4.95 13.67
N VAL A 335 -17.93 3.84 13.91
CA VAL A 335 -17.45 2.96 12.85
C VAL A 335 -17.63 1.51 13.28
N CYS A 336 -18.12 0.67 12.38
CA CYS A 336 -18.41 -0.70 12.73
C CYS A 336 -17.78 -1.66 11.72
N GLN A 337 -17.43 -2.85 12.21
CA GLN A 337 -17.02 -3.99 11.38
C GLN A 337 -17.43 -5.26 12.09
N LYS A 338 -18.16 -6.12 11.38
CA LYS A 338 -18.76 -7.35 11.92
C LYS A 338 -19.46 -7.07 13.25
N ASP A 339 -18.89 -7.58 14.36
CA ASP A 339 -19.49 -7.50 15.69
C ASP A 339 -19.04 -6.29 16.51
N LEU A 340 -18.10 -5.49 16.02
CA LEU A 340 -17.48 -4.44 16.82
C LEU A 340 -17.85 -3.07 16.28
N CYS A 341 -18.42 -2.22 17.14
CA CYS A 341 -18.65 -0.82 16.83
C CYS A 341 -17.80 0.04 17.76
N CYS A 342 -17.21 1.08 17.17
CA CYS A 342 -16.27 1.97 17.81
C CYS A 342 -16.82 3.40 17.78
N HIS A 343 -16.87 4.03 18.94
CA HIS A 343 -17.38 5.39 19.10
C HIS A 343 -16.24 6.31 19.50
N LEU A 344 -16.16 7.48 18.85
CA LEU A 344 -15.20 8.51 19.17
C LEU A 344 -15.87 9.88 19.25
N SER A 345 -15.52 10.64 20.29
CA SER A 345 -15.81 12.07 20.35
C SER A 345 -14.49 12.78 20.55
N TYR A 346 -14.30 13.92 19.90
CA TYR A 346 -12.95 14.48 19.91
C TYR A 346 -12.99 15.95 19.53
N LYS A 347 -12.10 16.70 20.12
CA LYS A 347 -11.88 18.12 19.87
C LYS A 347 -10.38 18.27 19.88
N MET A 348 -9.81 18.65 18.73
CA MET A 348 -8.37 18.86 18.52
C MET A 348 -7.96 20.23 18.99
N SER A 349 -6.69 20.36 19.41
CA SER A 349 -6.19 21.69 19.77
C SER A 349 -6.17 22.61 18.57
N GLU A 350 -6.18 22.05 17.36
CA GLU A 350 -6.07 22.83 16.14
C GLU A 350 -6.20 21.89 14.95
N ASN A 351 -6.75 22.39 13.86
CA ASN A 351 -6.77 21.66 12.61
C ASN A 351 -5.45 21.91 11.89
N ILE A 352 -4.53 20.97 12.02
CA ILE A 352 -3.30 20.99 11.23
C ILE A 352 -3.71 20.48 9.85
N PRO A 353 -3.55 21.29 8.78
CA PRO A 353 -4.15 20.92 7.50
C PRO A 353 -3.57 19.65 6.88
N ASN A 354 -2.25 19.54 6.78
CA ASN A 354 -1.60 18.40 6.14
C ASN A 354 -1.47 17.19 7.08
N GLU A 355 -2.30 17.11 8.12
CA GLU A 355 -2.33 15.96 9.00
C GLU A 355 -3.74 15.37 8.99
N VAL A 356 -3.85 14.10 8.63
CA VAL A 356 -5.13 13.40 8.56
C VAL A 356 -5.21 12.34 9.66
N TYR A 357 -6.32 12.35 10.39
CA TYR A 357 -6.62 11.34 11.39
C TYR A 357 -7.81 10.50 10.92
N ALA A 358 -7.88 9.27 11.44
CA ALA A 358 -8.99 8.41 11.09
C ALA A 358 -9.40 7.59 12.30
N LEU A 359 -10.66 7.16 12.30
CA LEU A 359 -11.17 6.22 13.30
C LEU A 359 -11.48 4.90 12.61
N GLY A 360 -10.91 3.83 13.14
CA GLY A 360 -10.98 2.52 12.51
C GLY A 360 -11.44 1.45 13.46
N ALA A 361 -12.13 0.46 12.89
CA ALA A 361 -12.64 -0.69 13.63
C ALA A 361 -12.14 -1.97 12.96
N PHE A 362 -11.65 -2.91 13.78
CA PHE A 362 -11.24 -4.21 13.29
C PHE A 362 -11.78 -5.31 14.20
N ASP A 363 -12.23 -6.39 13.58
CA ASP A 363 -12.80 -7.52 14.30
C ASP A 363 -12.48 -8.77 13.48
N GLY A 364 -11.37 -9.43 13.82
CA GLY A 364 -10.96 -10.56 13.02
C GLY A 364 -9.68 -11.16 13.52
N LEU A 365 -9.20 -12.15 12.77
CA LEU A 365 -8.07 -12.98 13.14
C LEU A 365 -6.80 -12.42 12.50
N HIS A 366 -5.81 -12.07 13.33
CA HIS A 366 -4.48 -11.76 12.85
C HIS A 366 -3.73 -13.05 12.56
N THR A 367 -2.95 -13.05 11.48
CA THR A 367 -2.26 -14.25 11.02
C THR A 367 -0.79 -14.05 10.64
N VAL A 368 -0.30 -12.82 10.54
CA VAL A 368 1.07 -12.60 10.05
C VAL A 368 1.99 -12.47 11.25
N GLU A 369 2.98 -13.36 11.35
CA GLU A 369 3.86 -13.50 12.52
C GLU A 369 3.04 -13.53 13.81
N GLY A 370 2.20 -14.55 13.91
CA GLY A 370 1.35 -14.73 15.05
C GLY A 370 -0.11 -14.90 14.66
N ARG A 371 -0.78 -15.87 15.27
CA ARG A 371 -2.20 -16.09 15.06
C ARG A 371 -2.95 -15.71 16.33
N TYR A 372 -3.81 -14.69 16.24
CA TYR A 372 -4.59 -14.32 17.42
C TYR A 372 -5.78 -13.46 17.00
N TYR A 373 -6.92 -13.68 17.64
CA TYR A 373 -8.12 -12.94 17.32
C TYR A 373 -8.11 -11.58 18.02
N LEU A 374 -8.49 -10.54 17.29
CA LEU A 374 -8.41 -9.16 17.72
C LEU A 374 -9.73 -8.44 17.54
N GLN A 375 -10.03 -7.55 18.50
CA GLN A 375 -11.06 -6.53 18.33
C GLN A 375 -10.42 -5.20 18.71
N ILE A 376 -10.28 -4.30 17.73
CA ILE A 376 -9.53 -3.07 17.96
C ILE A 376 -10.37 -1.88 17.53
N CYS A 377 -10.46 -0.88 18.41
CA CYS A 377 -11.02 0.43 18.05
C CYS A 377 -9.90 1.46 18.15
N THR A 378 -9.64 2.19 17.06
CA THR A 378 -8.46 3.05 17.07
C THR A 378 -8.73 4.41 16.46
N LEU A 379 -8.34 5.46 17.19
CA LEU A 379 -8.12 6.77 16.61
C LEU A 379 -6.62 6.86 16.28
N LEU A 380 -6.28 7.15 15.02
CA LEU A 380 -4.86 7.16 14.70
C LEU A 380 -4.51 8.22 13.67
N LYS A 381 -3.26 8.66 13.74
CA LYS A 381 -2.70 9.59 12.75
C LYS A 381 -2.21 8.80 11.55
N CYS A 382 -2.76 9.11 10.38
CA CYS A 382 -2.35 8.42 9.16
C CYS A 382 -0.94 8.83 8.77
N LYS A 383 -0.16 7.88 8.27
CA LYS A 383 1.27 8.16 7.98
C LYS A 383 1.37 9.39 7.08
N THR A 384 0.64 9.41 5.98
CA THR A 384 0.63 10.58 5.07
C THR A 384 -0.80 11.05 4.93
N THR A 385 -1.05 11.97 4.00
CA THR A 385 -2.41 12.48 3.73
C THR A 385 -3.16 11.48 2.88
N ASN A 386 -2.43 10.56 2.23
CA ASN A 386 -3.09 9.49 1.44
C ASN A 386 -3.83 8.57 2.39
N LEU A 387 -5.12 8.40 2.18
CA LEU A 387 -5.95 7.54 3.05
C LEU A 387 -5.47 6.09 3.01
N ASN A 388 -4.59 5.76 2.07
CA ASN A 388 -4.10 4.38 1.94
C ASN A 388 -3.03 4.14 3.02
N THR A 389 -2.53 5.20 3.64
CA THR A 389 -1.48 5.11 4.66
C THR A 389 -2.09 5.15 6.04
N CYS A 390 -3.41 5.26 6.14
CA CYS A 390 -4.07 5.21 7.45
C CYS A 390 -3.87 3.80 8.01
N GLY A 391 -2.99 3.66 9.00
CA GLY A 391 -2.68 2.33 9.56
C GLY A 391 -1.20 2.05 9.51
N ASP A 392 -0.49 2.77 8.66
CA ASP A 392 0.97 2.56 8.51
C ASP A 392 1.67 3.17 9.72
N SER A 393 2.88 2.67 10.00
CA SER A 393 3.65 3.17 11.16
C SER A 393 3.85 4.68 11.04
N ALA A 394 3.40 5.43 12.04
CA ALA A 394 3.63 6.89 12.07
C ALA A 394 4.34 7.23 13.38
N GLU A 395 5.47 7.89 13.30
CA GLU A 395 6.28 8.15 14.51
C GLU A 395 6.08 9.56 15.02
N THR A 396 5.70 10.48 14.12
CA THR A 396 5.63 11.89 14.54
C THR A 396 4.29 12.47 14.23
N ALA A 397 3.82 13.42 15.05
CA ALA A 397 2.57 14.13 14.81
C ALA A 397 2.68 15.51 15.44
N SER A 398 1.81 16.43 14.97
CA SER A 398 1.74 17.79 15.48
C SER A 398 0.40 18.15 16.08
N THR A 399 -0.66 17.40 15.77
CA THR A 399 -2.01 17.72 16.22
C THR A 399 -2.18 17.26 17.66
N ARG A 400 -2.25 18.21 18.58
CA ARG A 400 -2.66 17.89 19.94
C ARG A 400 -4.19 17.86 20.01
N PHE A 401 -4.70 17.19 21.02
CA PHE A 401 -6.14 17.05 21.20
C PHE A 401 -6.56 17.70 22.51
N GLU A 402 -7.54 18.60 22.44
CA GLU A 402 -8.15 19.15 23.64
C GLU A 402 -8.96 18.09 24.39
N MET A 403 -9.62 17.21 23.67
CA MET A 403 -10.38 16.15 24.31
C MET A 403 -10.54 14.98 23.35
N PHE A 404 -10.66 13.79 23.91
CA PHE A 404 -11.01 12.61 23.14
C PHE A 404 -11.79 11.68 24.05
N SER A 405 -12.55 10.78 23.43
CA SER A 405 -13.28 9.76 24.18
C SER A 405 -13.58 8.61 23.22
N LEU A 406 -13.05 7.43 23.51
CA LEU A 406 -13.15 6.26 22.67
C LEU A 406 -13.80 5.12 23.43
N SER A 407 -14.65 4.36 22.74
CA SER A 407 -15.29 3.19 23.34
C SER A 407 -15.66 2.22 22.24
N GLY A 408 -16.02 1.00 22.63
CA GLY A 408 -16.37 -0.01 21.64
C GLY A 408 -17.22 -1.11 22.22
N THR A 409 -17.99 -1.76 21.35
CA THR A 409 -18.87 -2.86 21.75
C THR A 409 -18.07 -4.17 21.75
N PHE A 410 -17.11 -4.24 22.66
CA PHE A 410 -16.17 -5.36 22.67
C PHE A 410 -16.86 -6.65 23.09
N GLY A 411 -16.52 -7.74 22.40
CA GLY A 411 -17.04 -9.04 22.75
C GLY A 411 -16.06 -9.76 23.66
N THR A 412 -15.18 -9.01 24.32
CA THR A 412 -14.23 -9.56 25.28
C THR A 412 -14.03 -8.56 26.41
N GLN A 413 -13.60 -9.07 27.55
CA GLN A 413 -13.26 -8.21 28.67
C GLN A 413 -11.77 -7.98 28.80
N TYR A 414 -10.96 -8.58 27.94
CA TYR A 414 -9.52 -8.33 27.90
C TYR A 414 -9.26 -7.26 26.85
N VAL A 415 -9.31 -6.00 27.30
CA VAL A 415 -9.09 -4.85 26.42
C VAL A 415 -8.03 -3.95 27.06
N PHE A 416 -7.02 -3.57 26.29
CA PHE A 416 -5.87 -2.88 26.84
C PHE A 416 -5.84 -1.45 26.33
N PRO A 417 -5.93 -0.46 27.21
CA PRO A 417 -6.08 0.94 26.77
C PRO A 417 -4.73 1.53 26.41
N GLU A 418 -4.63 2.12 25.22
CA GLU A 418 -3.39 2.67 24.70
C GLU A 418 -3.56 4.15 24.37
N VAL A 419 -2.58 4.94 24.77
CA VAL A 419 -2.46 6.33 24.33
C VAL A 419 -1.00 6.56 24.03
N LEU A 420 -0.68 6.94 22.80
CA LEU A 420 0.70 7.18 22.43
C LEU A 420 0.84 8.58 21.84
N LEU A 421 1.86 9.31 22.27
CA LEU A 421 2.08 10.65 21.75
C LEU A 421 3.24 10.64 20.76
N SER A 422 3.28 11.69 19.93
CA SER A 422 4.35 11.86 18.96
C SER A 422 5.70 11.55 19.60
N GLU A 423 6.57 10.90 18.82
CA GLU A 423 7.87 10.45 19.30
C GLU A 423 7.78 9.26 20.25
N ASN A 424 6.65 8.57 20.24
CA ASN A 424 6.47 7.31 20.98
C ASN A 424 6.53 7.57 22.49
N GLN A 425 5.82 8.61 22.93
CA GLN A 425 5.79 9.01 24.33
C GLN A 425 4.49 8.54 24.95
N LEU A 426 4.59 8.01 26.17
CA LEU A 426 3.40 7.66 26.92
C LEU A 426 2.76 8.92 27.49
N ALA A 427 1.52 8.79 27.93
CA ALA A 427 0.78 9.92 28.48
C ALA A 427 0.30 9.62 29.91
N PRO A 428 1.23 9.36 30.83
CA PRO A 428 0.81 8.96 32.19
C PRO A 428 -0.02 10.03 32.87
N GLY A 429 -1.17 9.63 33.40
CA GLY A 429 -2.01 10.56 34.14
C GLY A 429 -2.81 11.54 33.30
N GLU A 430 -2.72 11.49 31.98
CA GLU A 430 -3.47 12.39 31.12
C GLU A 430 -4.80 11.81 30.67
N PHE A 431 -5.09 10.55 31.01
CA PHE A 431 -6.32 9.91 30.56
C PHE A 431 -6.82 8.96 31.63
N GLN A 432 -8.06 8.53 31.47
CA GLN A 432 -8.67 7.58 32.39
C GLN A 432 -9.56 6.62 31.62
N VAL A 433 -9.85 5.50 32.28
CA VAL A 433 -10.83 4.54 31.80
C VAL A 433 -11.98 4.53 32.78
N SER A 434 -13.20 4.66 32.27
CA SER A 434 -14.41 4.62 33.08
C SER A 434 -14.89 3.17 33.21
N THR A 435 -15.81 2.93 34.14
CA THR A 435 -16.27 1.57 34.36
C THR A 435 -17.14 1.05 33.22
N ASP A 436 -17.75 1.94 32.45
CA ASP A 436 -18.58 1.54 31.31
C ASP A 436 -17.80 1.46 30.00
N GLY A 437 -16.47 1.57 30.07
CA GLY A 437 -15.62 1.24 28.94
C GLY A 437 -15.18 2.38 28.06
N ARG A 438 -15.13 3.60 28.56
CA ARG A 438 -14.65 4.74 27.80
C ARG A 438 -13.22 5.04 28.21
N LEU A 439 -12.34 5.18 27.22
CA LEU A 439 -11.01 5.70 27.43
C LEU A 439 -11.04 7.15 26.99
N PHE A 440 -10.78 8.07 27.93
CA PHE A 440 -11.01 9.47 27.63
C PHE A 440 -9.92 10.32 28.26
N SER A 441 -9.83 11.56 27.77
CA SER A 441 -8.77 12.48 28.14
C SER A 441 -9.15 13.22 29.41
N LEU A 442 -8.23 13.29 30.36
CA LEU A 442 -8.47 14.08 31.56
C LEU A 442 -8.15 15.56 31.36
N LYS A 443 -7.51 15.90 30.25
CA LYS A 443 -7.10 17.26 29.95
C LYS A 443 -6.54 17.24 28.52
N PRO A 444 -6.24 18.40 27.94
CA PRO A 444 -5.62 18.37 26.61
C PRO A 444 -4.29 17.63 26.65
N THR A 445 -4.04 16.86 25.59
CA THR A 445 -2.82 16.05 25.54
C THR A 445 -1.61 16.96 25.60
N SER A 446 -0.56 16.48 26.27
CA SER A 446 0.65 17.28 26.44
C SER A 446 1.47 17.35 25.16
N GLY A 447 1.34 16.35 24.30
CA GLY A 447 1.98 16.39 23.00
C GLY A 447 1.01 15.88 21.95
N PRO A 448 1.39 15.97 20.67
CA PRO A 448 0.48 15.53 19.61
C PRO A 448 0.24 14.02 19.68
N VAL A 449 -0.97 13.61 19.30
CA VAL A 449 -1.40 12.22 19.44
C VAL A 449 -1.02 11.42 18.20
N LEU A 450 -0.37 10.27 18.43
CA LEU A 450 -0.17 9.25 17.40
C LEU A 450 -1.37 8.30 17.34
N THR A 451 -1.80 7.79 18.51
CA THR A 451 -2.96 6.92 18.56
C THR A 451 -3.62 6.95 19.94
N VAL A 452 -4.92 6.68 19.94
CA VAL A 452 -5.73 6.38 21.11
C VAL A 452 -6.48 5.11 20.75
N THR A 453 -6.10 3.99 21.37
CA THR A 453 -6.60 2.70 20.90
C THR A 453 -7.10 1.85 22.06
N LEU A 454 -8.20 1.15 21.80
CA LEU A 454 -8.71 0.08 22.64
C LEU A 454 -8.40 -1.24 21.93
N PHE A 455 -7.47 -1.99 22.49
CA PHE A 455 -6.91 -3.20 21.91
C PHE A 455 -7.42 -4.40 22.70
N GLY A 456 -8.30 -5.19 22.10
CA GLY A 456 -8.95 -6.29 22.80
C GLY A 456 -8.58 -7.62 22.18
N ARG A 457 -8.39 -8.62 23.05
CA ARG A 457 -8.00 -9.96 22.63
C ARG A 457 -9.13 -10.93 22.91
N LEU A 458 -9.48 -11.74 21.91
CA LEU A 458 -10.48 -12.79 22.06
C LEU A 458 -9.77 -14.14 22.00
N TYR A 459 -9.22 -14.55 23.14
CA TYR A 459 -8.34 -15.71 23.18
C TYR A 459 -9.07 -16.99 22.76
N GLU A 460 -10.36 -17.08 23.07
CA GLU A 460 -11.13 -18.27 22.71
C GLU A 460 -11.15 -18.49 21.20
N LYS A 461 -11.01 -17.43 20.41
CA LYS A 461 -11.18 -17.53 18.97
C LYS A 461 -9.87 -17.80 18.23
N ASP A 462 -8.79 -18.07 18.96
CA ASP A 462 -7.53 -18.45 18.33
C ASP A 462 -7.63 -19.90 17.85
N GLN B 1 -4.48 -7.55 -2.75
CA GLN B 1 -5.63 -6.65 -2.78
C GLN B 1 -6.36 -6.68 -4.13
N ASP B 2 -7.68 -6.76 -4.04
CA ASP B 2 -8.52 -7.03 -5.20
C ASP B 2 -8.90 -5.80 -6.00
N THR B 3 -8.80 -4.60 -5.41
CA THR B 3 -9.18 -3.36 -6.09
C THR B 3 -8.22 -2.24 -5.71
N PHE B 4 -8.22 -1.20 -6.55
CA PHE B 4 -7.41 -0.02 -6.34
C PHE B 4 -8.11 1.18 -6.94
N ILE B 5 -7.78 2.37 -6.43
CA ILE B 5 -8.32 3.62 -6.93
C ILE B 5 -7.38 4.19 -7.98
N ALA B 6 -7.88 4.35 -9.20
CA ALA B 6 -7.10 4.89 -10.30
C ALA B 6 -7.39 6.37 -10.48
N ALA B 7 -6.39 7.11 -10.93
CA ALA B 7 -6.56 8.53 -11.20
C ALA B 7 -5.91 8.87 -12.54
N VAL B 8 -6.56 9.75 -13.30
CA VAL B 8 -5.99 10.34 -14.51
C VAL B 8 -6.24 11.84 -14.47
N TYR B 9 -5.28 12.61 -14.98
CA TYR B 9 -5.40 14.05 -15.00
C TYR B 9 -5.32 14.57 -16.43
N GLU B 10 -6.31 15.37 -16.82
CA GLU B 10 -6.25 16.12 -18.07
C GLU B 10 -5.68 17.50 -17.75
N HIS B 11 -4.53 17.82 -18.35
CA HIS B 11 -3.72 18.96 -17.96
C HIS B 11 -3.76 20.02 -19.06
N ALA B 12 -4.25 21.21 -18.72
CA ALA B 12 -4.13 22.40 -19.57
C ALA B 12 -2.70 22.89 -19.46
N ALA B 13 -1.83 22.45 -20.37
CA ALA B 13 -0.39 22.59 -20.14
C ALA B 13 0.11 23.99 -20.45
N ILE B 14 1.08 24.45 -19.65
CA ILE B 14 1.75 25.71 -19.92
C ILE B 14 2.82 25.42 -20.97
N LEU B 15 2.67 26.03 -22.17
CA LEU B 15 3.56 25.78 -23.31
C LEU B 15 4.69 26.79 -23.34
N PRO B 16 5.91 26.36 -23.65
CA PRO B 16 7.00 27.33 -23.75
C PRO B 16 6.70 28.31 -24.87
N ASN B 17 6.98 29.59 -24.59
CA ASN B 17 6.82 30.60 -25.60
C ASN B 17 7.45 30.10 -26.90
N ALA B 18 6.86 30.48 -28.02
CA ALA B 18 7.45 30.09 -29.30
C ALA B 18 8.86 30.66 -29.35
N THR B 19 9.85 29.79 -29.48
CA THR B 19 11.23 30.24 -29.56
C THR B 19 11.95 29.58 -30.73
N LEU B 20 12.86 30.37 -31.28
CA LEU B 20 13.67 30.00 -32.42
C LEU B 20 14.85 29.14 -32.02
N THR B 21 15.61 29.58 -31.02
CA THR B 21 16.84 28.97 -30.56
C THR B 21 16.67 28.43 -29.15
N PRO B 22 17.57 27.53 -28.72
CA PRO B 22 17.40 26.87 -27.42
C PRO B 22 17.44 27.85 -26.26
N VAL B 23 16.57 27.63 -25.27
CA VAL B 23 16.58 28.41 -24.04
C VAL B 23 17.66 27.85 -23.14
N SER B 24 18.00 28.58 -22.08
CA SER B 24 18.96 28.07 -21.11
C SER B 24 18.33 26.96 -20.27
N ARG B 25 19.18 26.23 -19.53
CA ARG B 25 18.66 25.21 -18.62
C ARG B 25 17.79 25.83 -17.56
N GLU B 26 18.11 27.06 -17.15
CA GLU B 26 17.30 27.76 -16.16
C GLU B 26 15.87 27.94 -16.65
N GLU B 27 15.70 28.49 -17.86
CA GLU B 27 14.36 28.73 -18.39
C GLU B 27 13.60 27.44 -18.58
N ALA B 28 14.28 26.42 -19.12
CA ALA B 28 13.61 25.14 -19.32
C ALA B 28 13.11 24.58 -17.99
N LEU B 29 13.98 24.58 -16.97
CA LEU B 29 13.55 24.07 -15.67
C LEU B 29 12.41 24.90 -15.10
N ALA B 30 12.50 26.22 -15.20
CA ALA B 30 11.43 27.07 -14.67
C ALA B 30 10.07 26.74 -15.30
N LEU B 31 10.02 26.57 -16.62
CA LEU B 31 8.75 26.23 -17.25
C LEU B 31 8.26 24.84 -16.82
N MET B 32 9.16 23.86 -16.80
CA MET B 32 8.76 22.52 -16.37
C MET B 32 8.23 22.55 -14.94
N ASN B 33 8.78 23.42 -14.10
CA ASN B 33 8.32 23.52 -12.72
C ASN B 33 6.96 24.21 -12.64
N ARG B 34 6.70 25.17 -13.53
CA ARG B 34 5.36 25.75 -13.62
C ARG B 34 4.33 24.68 -13.92
N ASN B 35 4.66 23.75 -14.83
CA ASN B 35 3.75 22.65 -15.11
C ASN B 35 3.66 21.66 -13.95
N LEU B 36 4.81 21.35 -13.32
CA LEU B 36 4.80 20.40 -12.19
C LEU B 36 4.02 20.91 -11.00
N ASP B 37 3.90 22.23 -10.83
CA ASP B 37 3.03 22.80 -9.78
C ASP B 37 1.57 22.40 -9.97
N ILE B 38 1.03 22.57 -11.19
CA ILE B 38 -0.34 22.16 -11.46
C ILE B 38 -0.48 20.65 -11.30
N LEU B 39 0.47 19.91 -11.87
CA LEU B 39 0.41 18.46 -11.76
C LEU B 39 0.49 18.03 -10.31
N GLU B 40 1.24 18.76 -9.47
CA GLU B 40 1.34 18.42 -8.06
C GLU B 40 0.01 18.65 -7.35
N GLY B 41 -0.70 19.72 -7.72
CA GLY B 41 -2.05 19.88 -7.20
C GLY B 41 -2.92 18.68 -7.51
N ALA B 42 -2.84 18.20 -8.75
CA ALA B 42 -3.63 17.03 -9.14
C ALA B 42 -3.21 15.80 -8.35
N ILE B 43 -1.90 15.56 -8.24
CA ILE B 43 -1.39 14.37 -7.58
C ILE B 43 -1.80 14.35 -6.11
N THR B 44 -1.66 15.49 -5.43
CA THR B 44 -2.00 15.53 -4.02
C THR B 44 -3.50 15.28 -3.84
N SER B 45 -4.33 15.86 -4.71
CA SER B 45 -5.78 15.66 -4.59
C SER B 45 -6.16 14.19 -4.76
N ALA B 46 -5.60 13.55 -5.80
CA ALA B 46 -5.91 12.14 -6.00
C ALA B 46 -5.44 11.30 -4.81
N ALA B 47 -4.23 11.57 -4.30
CA ALA B 47 -3.76 10.81 -3.14
C ALA B 47 -4.68 11.02 -1.94
N ASP B 48 -5.12 12.28 -1.72
CA ASP B 48 -6.00 12.61 -0.59
C ASP B 48 -7.31 11.86 -0.64
N GLN B 49 -7.73 11.42 -1.83
CA GLN B 49 -8.92 10.59 -1.91
C GLN B 49 -8.59 9.11 -2.01
N GLY B 50 -7.37 8.71 -1.64
CA GLY B 50 -7.01 7.31 -1.63
C GLY B 50 -6.61 6.72 -2.97
N ALA B 51 -6.24 7.53 -3.94
CA ALA B 51 -5.77 6.97 -5.21
C ALA B 51 -4.47 6.20 -5.00
N HIS B 52 -4.33 5.09 -5.74
CA HIS B 52 -3.10 4.31 -5.72
C HIS B 52 -2.14 4.71 -6.83
N ILE B 53 -2.66 5.20 -7.95
CA ILE B 53 -1.82 5.56 -9.08
C ILE B 53 -2.53 6.67 -9.86
N ILE B 54 -1.75 7.63 -10.33
CA ILE B 54 -2.26 8.73 -11.12
C ILE B 54 -1.40 8.84 -12.35
N VAL B 55 -2.05 9.02 -13.52
CA VAL B 55 -1.39 9.21 -14.80
C VAL B 55 -1.50 10.69 -15.19
N THR B 56 -0.41 11.25 -15.68
CA THR B 56 -0.44 12.57 -16.27
C THR B 56 -0.05 12.50 -17.75
N PRO B 57 -0.39 13.52 -18.54
CA PRO B 57 -0.44 13.36 -20.00
C PRO B 57 0.93 13.36 -20.67
N GLU B 58 0.93 12.96 -21.94
CA GLU B 58 2.14 13.08 -22.74
C GLU B 58 2.46 14.55 -23.00
N ASP B 59 3.74 14.91 -22.91
CA ASP B 59 4.21 16.28 -23.09
C ASP B 59 3.68 17.25 -22.04
N ALA B 60 3.20 16.74 -20.89
CA ALA B 60 2.52 17.61 -19.93
C ALA B 60 3.45 18.66 -19.33
N ILE B 61 4.76 18.43 -19.36
CA ILE B 61 5.66 19.27 -18.60
C ILE B 61 6.44 20.23 -19.49
N TYR B 62 6.67 19.91 -20.78
CA TYR B 62 7.42 20.82 -21.61
C TYR B 62 6.82 21.13 -23.00
N GLY B 63 5.70 20.52 -23.37
CA GLY B 63 5.06 20.89 -24.62
C GLY B 63 5.53 20.08 -25.80
N TRP B 64 5.14 20.53 -26.99
CA TRP B 64 5.39 19.77 -28.20
C TRP B 64 5.99 20.59 -29.34
N ASN B 65 6.34 21.85 -29.11
CA ASN B 65 6.90 22.71 -30.14
C ASN B 65 8.42 22.71 -29.99
N PHE B 66 9.07 21.75 -30.64
CA PHE B 66 10.51 21.56 -30.46
C PHE B 66 11.19 21.13 -31.76
N ASN B 67 12.40 21.63 -31.98
CA ASN B 67 13.39 20.92 -32.76
C ASN B 67 14.35 20.24 -31.79
N ARG B 68 15.32 19.50 -32.33
CA ARG B 68 16.22 18.74 -31.46
C ARG B 68 16.93 19.67 -30.49
N ASP B 69 17.48 20.76 -31.00
CA ASP B 69 18.32 21.61 -30.16
C ASP B 69 17.49 22.40 -29.14
N SER B 70 16.35 22.91 -29.55
CA SER B 70 15.50 23.66 -28.63
C SER B 70 14.93 22.75 -27.55
N LEU B 71 14.81 21.46 -27.83
CA LEU B 71 14.38 20.52 -26.79
C LEU B 71 15.52 20.15 -25.84
N TYR B 72 16.76 20.15 -26.33
CA TYR B 72 17.86 19.61 -25.52
C TYR B 72 17.93 20.14 -24.10
N PRO B 73 17.82 21.45 -23.84
CA PRO B 73 17.95 21.93 -22.45
C PRO B 73 16.91 21.37 -21.49
N TYR B 74 15.80 20.81 -21.97
CA TYR B 74 14.79 20.23 -21.09
C TYR B 74 15.05 18.76 -20.75
N LEU B 75 16.03 18.13 -21.38
CA LEU B 75 16.21 16.69 -21.26
C LEU B 75 17.03 16.36 -20.02
N GLU B 76 16.76 15.17 -19.47
CA GLU B 76 17.54 14.60 -18.39
C GLU B 76 17.94 13.17 -18.74
N ASP B 77 19.09 12.74 -18.24
CA ASP B 77 19.57 11.37 -18.48
C ASP B 77 18.88 10.44 -17.48
N ILE B 78 17.88 9.71 -17.94
CA ILE B 78 17.03 8.89 -17.09
C ILE B 78 17.59 7.47 -17.08
N PRO B 79 18.03 6.95 -15.94
CA PRO B 79 18.63 5.59 -15.91
C PRO B 79 17.57 4.51 -16.10
N ASP B 80 18.07 3.31 -16.38
CA ASP B 80 17.23 2.11 -16.38
C ASP B 80 16.78 1.79 -14.95
N PRO B 81 15.51 1.42 -14.75
CA PRO B 81 15.03 1.14 -13.38
C PRO B 81 15.82 0.04 -12.68
N GLU B 82 16.61 -0.75 -13.41
CA GLU B 82 17.41 -1.78 -12.75
C GLU B 82 18.43 -1.18 -11.77
N VAL B 83 18.70 0.12 -11.84
CA VAL B 83 19.62 0.75 -10.89
C VAL B 83 19.05 0.87 -9.48
N ASN B 84 17.74 0.69 -9.32
CA ASN B 84 17.11 0.64 -8.00
C ASN B 84 17.36 1.93 -7.22
N TRP B 85 16.78 3.00 -7.75
CA TRP B 85 17.05 4.36 -7.34
C TRP B 85 15.77 5.05 -6.94
N ILE B 86 15.78 5.71 -5.77
CA ILE B 86 14.72 6.61 -5.33
C ILE B 86 15.26 8.02 -5.42
N PRO B 87 15.00 8.76 -6.51
CA PRO B 87 15.60 10.09 -6.65
C PRO B 87 15.34 11.01 -5.47
N CYS B 88 14.18 10.89 -4.82
CA CYS B 88 13.88 11.79 -3.72
C CYS B 88 14.91 11.66 -2.60
N ASN B 89 15.36 10.43 -2.34
CA ASN B 89 16.23 10.16 -1.20
C ASN B 89 17.71 10.27 -1.58
N ASN B 90 18.10 9.75 -2.74
CA ASN B 90 19.46 9.95 -3.23
C ASN B 90 19.39 10.83 -4.47
N ARG B 91 19.23 12.13 -4.26
CA ARG B 91 19.49 13.02 -5.39
C ARG B 91 21.00 13.07 -5.62
N ASN B 92 21.39 13.48 -6.82
CA ASN B 92 22.79 13.57 -7.23
C ASN B 92 23.44 12.22 -7.49
N ARG B 93 22.72 11.10 -7.32
CA ARG B 93 23.31 9.81 -7.70
C ARG B 93 23.65 9.78 -9.17
N PHE B 94 22.83 10.43 -9.99
CA PHE B 94 23.00 10.49 -11.44
C PHE B 94 23.29 11.91 -11.88
N GLY B 95 23.57 12.82 -10.93
CA GLY B 95 23.92 14.19 -11.22
C GLY B 95 22.74 15.11 -11.01
N GLN B 96 22.54 16.06 -11.92
CA GLN B 96 21.50 17.07 -11.81
C GLN B 96 20.22 16.57 -12.51
N THR B 97 19.28 16.07 -11.71
CA THR B 97 18.03 15.48 -12.20
C THR B 97 16.85 16.09 -11.44
N PRO B 98 16.67 17.42 -11.52
CA PRO B 98 15.58 18.07 -10.77
C PRO B 98 14.19 17.55 -11.10
N VAL B 99 13.89 17.23 -12.36
CA VAL B 99 12.54 16.79 -12.71
C VAL B 99 12.27 15.38 -12.19
N GLN B 100 13.19 14.44 -12.44
CA GLN B 100 13.06 13.12 -11.86
C GLN B 100 13.01 13.18 -10.32
N GLU B 101 13.82 14.05 -9.71
CA GLU B 101 13.78 14.18 -8.25
C GLU B 101 12.42 14.64 -7.77
N ARG B 102 11.84 15.65 -8.44
CA ARG B 102 10.56 16.19 -7.99
C ARG B 102 9.43 15.20 -8.23
N LEU B 103 9.45 14.48 -9.36
CA LEU B 103 8.45 13.44 -9.58
C LEU B 103 8.56 12.34 -8.52
N SER B 104 9.79 11.89 -8.23
CA SER B 104 10.00 10.89 -7.17
C SER B 104 9.38 11.38 -5.86
N CYS B 105 9.69 12.62 -5.45
CA CYS B 105 9.18 13.12 -4.17
C CYS B 105 7.67 13.29 -4.19
N LEU B 106 7.09 13.66 -5.36
CA LEU B 106 5.63 13.77 -5.44
C LEU B 106 4.97 12.42 -5.23
N ALA B 107 5.51 11.36 -5.84
CA ALA B 107 4.98 10.02 -5.59
C ALA B 107 5.22 9.59 -4.15
N LYS B 108 6.34 9.99 -3.57
CA LYS B 108 6.70 9.50 -2.23
C LYS B 108 5.91 10.20 -1.12
N ASN B 109 5.94 11.54 -1.11
CA ASN B 109 5.27 12.33 -0.08
C ASN B 109 3.76 12.09 -0.09
N ASN B 110 3.17 11.80 -1.27
CA ASN B 110 1.75 11.54 -1.39
C ASN B 110 1.44 10.05 -1.50
N SER B 111 2.47 9.20 -1.35
CA SER B 111 2.35 7.73 -1.26
C SER B 111 1.45 7.17 -2.36
N ILE B 112 1.88 7.41 -3.60
CA ILE B 112 1.09 7.13 -4.79
C ILE B 112 2.01 6.90 -5.98
N TYR B 113 1.68 5.90 -6.81
CA TYR B 113 2.37 5.73 -8.08
C TYR B 113 2.11 6.95 -8.97
N VAL B 114 3.17 7.44 -9.60
CA VAL B 114 3.06 8.59 -10.51
C VAL B 114 3.59 8.17 -11.88
N VAL B 115 2.75 8.37 -12.91
CA VAL B 115 3.14 8.16 -14.31
C VAL B 115 3.21 9.53 -14.99
N ALA B 116 4.39 9.88 -15.51
CA ALA B 116 4.55 11.17 -16.15
C ALA B 116 5.35 10.98 -17.45
N ASN B 117 5.27 11.98 -18.34
CA ASN B 117 5.97 11.99 -19.61
C ASN B 117 6.99 13.12 -19.60
N ILE B 118 8.24 12.81 -19.90
CA ILE B 118 9.35 13.76 -19.86
C ILE B 118 10.32 13.38 -20.96
N GLY B 119 11.47 14.05 -21.03
CA GLY B 119 12.43 13.84 -22.10
C GLY B 119 13.71 13.19 -21.63
N ASP B 120 14.07 12.10 -22.28
CA ASP B 120 15.32 11.40 -21.97
C ASP B 120 16.39 11.79 -22.97
N LYS B 121 17.61 11.99 -22.48
CA LYS B 121 18.78 12.15 -23.34
C LYS B 121 19.79 11.08 -22.97
N LYS B 122 20.40 10.51 -24.01
CA LYS B 122 21.36 9.42 -23.89
C LYS B 122 22.58 9.76 -24.73
N PRO B 123 23.67 10.24 -24.11
CA PRO B 123 24.88 10.57 -24.88
C PRO B 123 25.45 9.35 -25.58
N CYS B 124 26.02 9.57 -26.77
CA CYS B 124 26.70 8.52 -27.53
C CYS B 124 27.90 9.10 -28.25
N ASP B 125 28.82 8.22 -28.62
CA ASP B 125 30.02 8.59 -29.37
C ASP B 125 29.91 8.17 -30.84
N THR B 126 30.82 8.71 -31.66
CA THR B 126 30.88 8.26 -33.06
C THR B 126 31.26 6.79 -33.17
N SER B 127 31.87 6.21 -32.14
CA SER B 127 32.04 4.76 -32.09
C SER B 127 30.76 4.03 -32.43
N ASP B 128 29.60 4.61 -32.06
CA ASP B 128 28.31 3.99 -32.29
C ASP B 128 27.85 4.31 -33.70
N PRO B 129 27.63 3.30 -34.56
CA PRO B 129 27.26 3.58 -35.95
C PRO B 129 25.92 4.28 -36.09
N GLN B 130 25.06 4.21 -35.08
CA GLN B 130 23.77 4.90 -35.16
C GLN B 130 23.67 6.07 -34.20
N CYS B 131 24.80 6.58 -33.70
CA CYS B 131 24.77 7.80 -32.89
C CYS B 131 24.36 8.98 -33.76
N PRO B 132 23.34 9.74 -33.37
CA PRO B 132 22.93 10.88 -34.18
C PRO B 132 24.09 11.87 -34.34
N PRO B 133 24.09 12.62 -35.45
CA PRO B 133 25.25 13.51 -35.70
C PRO B 133 25.53 14.49 -34.58
N ASP B 134 24.53 14.92 -33.81
CA ASP B 134 24.75 15.88 -32.74
C ASP B 134 25.02 15.23 -31.37
N GLY B 135 25.34 13.93 -31.34
CA GLY B 135 25.99 13.35 -30.17
C GLY B 135 25.11 12.72 -29.12
N ARG B 136 23.81 12.58 -29.36
CA ARG B 136 22.97 11.98 -28.34
C ARG B 136 21.67 11.49 -28.96
N TYR B 137 21.08 10.48 -28.32
CA TYR B 137 19.69 10.12 -28.58
C TYR B 137 18.80 10.97 -27.68
N GLN B 138 17.65 11.36 -28.19
CA GLN B 138 16.62 12.05 -27.44
C GLN B 138 15.32 11.28 -27.59
N TYR B 139 14.66 10.98 -26.46
CA TYR B 139 13.48 10.13 -26.44
C TYR B 139 12.32 10.81 -25.70
N ASN B 140 11.10 10.54 -26.19
CA ASN B 140 9.83 10.85 -25.54
C ASN B 140 9.57 9.74 -24.51
N THR B 141 9.58 10.06 -23.22
CA THR B 141 9.84 9.03 -22.21
C THR B 141 8.76 9.05 -21.13
N ASP B 142 8.08 7.92 -20.95
CA ASP B 142 7.24 7.73 -19.77
C ASP B 142 8.13 7.26 -18.61
N VAL B 143 7.91 7.83 -17.43
CA VAL B 143 8.54 7.36 -16.19
C VAL B 143 7.43 7.03 -15.20
N VAL B 144 7.64 5.93 -14.47
CA VAL B 144 6.75 5.54 -13.37
C VAL B 144 7.57 5.43 -12.10
N PHE B 145 7.10 6.12 -11.05
CA PHE B 145 7.67 6.08 -9.71
C PHE B 145 6.65 5.44 -8.77
N ASP B 146 7.11 4.51 -7.93
CA ASP B 146 6.17 3.85 -7.05
C ASP B 146 5.85 4.73 -5.85
N SER B 147 4.99 4.23 -4.99
CA SER B 147 4.56 5.00 -3.82
C SER B 147 5.69 5.26 -2.83
N GLN B 148 6.85 4.60 -2.97
CA GLN B 148 8.01 4.95 -2.17
C GLN B 148 8.92 5.97 -2.85
N GLY B 149 8.62 6.33 -4.10
CA GLY B 149 9.46 7.21 -4.87
C GLY B 149 10.53 6.52 -5.66
N LYS B 150 10.48 5.20 -5.78
CA LYS B 150 11.47 4.51 -6.59
C LYS B 150 11.08 4.60 -8.06
N LEU B 151 12.08 4.69 -8.93
CA LEU B 151 11.87 4.68 -10.37
C LEU B 151 11.68 3.25 -10.82
N VAL B 152 10.44 2.88 -11.18
CA VAL B 152 10.16 1.49 -11.53
C VAL B 152 9.91 1.30 -13.02
N ALA B 153 9.83 2.37 -13.81
CA ALA B 153 9.65 2.08 -15.23
C ALA B 153 10.02 3.28 -16.10
N ARG B 154 10.65 3.01 -17.24
CA ARG B 154 10.99 4.02 -18.24
C ARG B 154 10.68 3.49 -19.63
N TYR B 155 9.88 4.23 -20.41
CA TYR B 155 9.50 3.76 -21.74
C TYR B 155 9.78 4.83 -22.77
N HIS B 156 10.56 4.48 -23.79
CA HIS B 156 10.84 5.36 -24.92
C HIS B 156 9.80 5.12 -26.01
N LYS B 157 9.07 6.17 -26.37
CA LYS B 157 7.98 6.06 -27.34
C LYS B 157 8.49 5.48 -28.66
N GLN B 158 7.86 4.38 -29.09
CA GLN B 158 8.30 3.70 -30.31
C GLN B 158 7.74 4.35 -31.58
N ASN B 159 6.46 4.67 -31.59
CA ASN B 159 5.78 5.12 -32.80
C ASN B 159 5.57 6.63 -32.71
N LEU B 160 6.52 7.40 -33.26
CA LEU B 160 6.43 8.84 -33.25
C LEU B 160 5.40 9.33 -34.27
N PHE B 161 4.59 10.29 -33.86
CA PHE B 161 3.64 10.94 -34.73
C PHE B 161 4.37 11.95 -35.62
N MET B 162 3.75 12.28 -36.76
CA MET B 162 4.29 13.33 -37.60
C MET B 162 4.48 14.59 -36.77
N GLY B 163 5.56 15.32 -37.04
CA GLY B 163 5.89 16.47 -36.22
C GLY B 163 6.63 16.17 -34.92
N GLU B 164 7.01 14.93 -34.63
CA GLU B 164 7.86 14.69 -33.45
C GLU B 164 9.33 14.52 -33.84
N ASN B 165 9.85 15.42 -34.68
CA ASN B 165 11.19 15.28 -35.23
C ASN B 165 12.31 15.59 -34.23
N GLN B 166 12.01 16.12 -33.03
CA GLN B 166 12.99 16.33 -31.97
C GLN B 166 13.43 15.04 -31.27
N PHE B 167 12.73 13.94 -31.51
CA PHE B 167 12.91 12.66 -30.85
C PHE B 167 13.47 11.62 -31.82
N ASN B 168 14.17 10.64 -31.25
CA ASN B 168 14.66 9.48 -31.97
C ASN B 168 13.75 8.29 -31.67
N VAL B 169 13.88 7.27 -32.50
CA VAL B 169 13.13 6.02 -32.36
C VAL B 169 14.07 5.00 -31.71
N PRO B 170 13.60 4.24 -30.72
CA PRO B 170 14.46 3.17 -30.17
C PRO B 170 14.79 2.16 -31.26
N LYS B 171 16.01 1.60 -31.19
CA LYS B 171 16.42 0.57 -32.14
C LYS B 171 15.44 -0.58 -32.18
N GLU B 172 14.90 -0.97 -31.03
CA GLU B 172 13.90 -2.02 -30.94
C GLU B 172 12.78 -1.56 -30.03
N PRO B 173 11.55 -2.02 -30.26
CA PRO B 173 10.45 -1.68 -29.35
C PRO B 173 10.74 -2.13 -27.92
N GLU B 174 10.41 -1.25 -26.98
CA GLU B 174 10.68 -1.49 -25.56
C GLU B 174 9.38 -1.94 -24.89
N ILE B 175 9.35 -3.21 -24.47
CA ILE B 175 8.24 -3.79 -23.75
C ILE B 175 8.50 -3.56 -22.25
N VAL B 176 7.79 -2.60 -21.68
CA VAL B 176 8.06 -2.09 -20.35
C VAL B 176 6.85 -2.38 -19.46
N THR B 177 7.08 -3.06 -18.34
CA THR B 177 6.01 -3.34 -17.41
C THR B 177 6.46 -3.01 -16.00
N PHE B 178 5.50 -2.92 -15.08
CA PHE B 178 5.82 -2.85 -13.67
C PHE B 178 4.75 -3.59 -12.88
N ASN B 179 5.18 -4.22 -11.78
CA ASN B 179 4.30 -5.05 -10.95
C ASN B 179 3.98 -4.34 -9.64
N THR B 180 2.76 -4.57 -9.13
CA THR B 180 2.27 -3.91 -7.93
C THR B 180 1.36 -4.85 -7.20
N THR B 181 1.10 -4.53 -5.93
CA THR B 181 0.13 -5.32 -5.20
C THR B 181 -1.28 -5.19 -5.79
N PHE B 182 -1.50 -4.22 -6.67
CA PHE B 182 -2.80 -4.10 -7.31
C PHE B 182 -2.71 -4.36 -8.80
N GLY B 183 -1.80 -5.23 -9.22
CA GLY B 183 -1.84 -5.75 -10.57
C GLY B 183 -0.56 -5.49 -11.32
N SER B 184 -0.49 -6.10 -12.49
CA SER B 184 0.61 -5.94 -13.43
C SER B 184 0.25 -4.90 -14.47
N PHE B 185 1.15 -3.95 -14.72
CA PHE B 185 0.89 -2.79 -15.57
C PHE B 185 1.83 -2.77 -16.78
N GLY B 186 1.29 -2.38 -17.93
CA GLY B 186 2.12 -2.07 -19.09
C GLY B 186 1.96 -0.60 -19.44
N ILE B 187 2.92 -0.03 -20.18
CA ILE B 187 2.87 1.40 -20.48
C ILE B 187 3.22 1.64 -21.95
N PHE B 188 2.49 2.57 -22.59
CA PHE B 188 2.89 3.10 -23.89
C PHE B 188 2.21 4.46 -24.09
N THR B 189 2.58 5.16 -25.18
CA THR B 189 2.30 6.59 -25.30
C THR B 189 1.56 6.91 -26.60
N CYS B 190 0.39 7.54 -26.48
CA CYS B 190 -0.37 8.12 -27.59
C CYS B 190 -0.41 7.25 -28.85
N PHE B 191 0.33 7.66 -29.89
CA PHE B 191 0.24 7.03 -31.21
C PHE B 191 0.48 5.52 -31.14
N ASP B 192 1.24 5.05 -30.11
CA ASP B 192 1.50 3.62 -29.95
C ASP B 192 0.23 2.80 -29.98
N ILE B 193 -0.88 3.36 -29.47
CA ILE B 193 -2.12 2.60 -29.37
C ILE B 193 -2.58 2.08 -30.73
N LEU B 194 -2.13 2.69 -31.83
CA LEU B 194 -2.57 2.24 -33.14
C LEU B 194 -1.68 1.15 -33.73
N PHE B 195 -0.65 0.68 -33.03
CA PHE B 195 0.30 -0.25 -33.61
C PHE B 195 0.50 -1.47 -32.72
N HIS B 196 1.22 -2.45 -33.27
CA HIS B 196 1.34 -3.75 -32.62
C HIS B 196 2.34 -3.73 -31.46
N ASP B 197 3.45 -3.00 -31.64
CA ASP B 197 4.58 -3.00 -30.72
C ASP B 197 4.81 -1.62 -30.12
N PRO B 198 4.86 -1.49 -28.78
CA PRO B 198 4.70 -2.54 -27.77
C PRO B 198 3.25 -2.85 -27.44
N ALA B 199 2.30 -2.04 -27.91
CA ALA B 199 0.97 -2.00 -27.30
C ALA B 199 0.30 -3.38 -27.28
N VAL B 200 0.32 -4.09 -28.40
CA VAL B 200 -0.34 -5.39 -28.46
C VAL B 200 0.53 -6.49 -27.83
N THR B 201 1.85 -6.37 -27.96
CA THR B 201 2.74 -7.34 -27.33
C THR B 201 2.54 -7.34 -25.81
N LEU B 202 2.35 -6.16 -25.24
CA LEU B 202 2.14 -6.04 -23.81
C LEU B 202 0.98 -6.91 -23.34
N VAL B 203 -0.13 -6.88 -24.07
CA VAL B 203 -1.31 -7.63 -23.63
C VAL B 203 -1.18 -9.11 -24.01
N LYS B 204 -0.88 -9.37 -25.28
CA LYS B 204 -0.84 -10.73 -25.80
C LYS B 204 0.24 -11.57 -25.14
N ASP B 205 1.47 -11.06 -25.06
CA ASP B 205 2.59 -11.86 -24.57
C ASP B 205 2.81 -11.75 -23.07
N PHE B 206 2.63 -10.56 -22.49
CA PHE B 206 2.96 -10.34 -21.09
C PHE B 206 1.74 -10.29 -20.17
N HIS B 207 0.53 -10.32 -20.73
CA HIS B 207 -0.71 -10.52 -19.97
C HIS B 207 -0.91 -9.48 -18.86
N VAL B 208 -0.47 -8.25 -19.12
CA VAL B 208 -0.67 -7.21 -18.12
C VAL B 208 -2.18 -7.04 -17.89
N ASP B 209 -2.53 -6.63 -16.67
CA ASP B 209 -3.91 -6.33 -16.31
C ASP B 209 -4.33 -4.91 -16.70
N THR B 210 -3.41 -3.96 -16.65
CA THR B 210 -3.74 -2.55 -16.79
C THR B 210 -2.66 -1.86 -17.61
N ILE B 211 -3.08 -0.99 -18.57
CA ILE B 211 -2.19 -0.09 -19.29
C ILE B 211 -2.36 1.32 -18.71
N VAL B 212 -1.24 2.02 -18.52
CA VAL B 212 -1.21 3.45 -18.21
C VAL B 212 -0.75 4.15 -19.48
N PHE B 213 -1.42 5.26 -19.82
CA PHE B 213 -1.43 5.79 -21.19
C PHE B 213 -1.36 7.30 -21.16
N PRO B 214 -0.14 7.85 -21.09
CA PRO B 214 0.04 9.29 -21.36
C PRO B 214 -0.20 9.59 -22.84
N THR B 215 -0.98 10.64 -23.11
CA THR B 215 -1.36 10.93 -24.50
C THR B 215 -1.56 12.42 -24.70
N ALA B 216 -1.25 12.91 -25.93
CA ALA B 216 -1.65 14.24 -26.40
C ALA B 216 -2.35 14.06 -27.75
N TRP B 217 -3.60 13.63 -27.66
CA TRP B 217 -4.33 13.05 -28.78
C TRP B 217 -5.20 14.14 -29.40
N MET B 218 -5.14 14.24 -30.73
CA MET B 218 -5.95 15.20 -31.47
C MET B 218 -7.16 14.47 -32.05
N ASN B 219 -8.33 14.77 -31.51
CA ASN B 219 -9.52 14.00 -31.87
C ASN B 219 -9.82 14.14 -33.34
N VAL B 220 -10.10 13.00 -33.99
CA VAL B 220 -10.52 12.91 -35.39
C VAL B 220 -11.79 12.06 -35.41
N LEU B 221 -12.94 12.70 -35.48
CA LEU B 221 -14.19 11.99 -35.69
C LEU B 221 -14.26 11.47 -37.14
N PRO B 222 -15.09 10.44 -37.41
CA PRO B 222 -16.03 9.75 -36.50
C PRO B 222 -15.46 8.56 -35.69
N HIS B 223 -14.21 8.14 -35.93
CA HIS B 223 -13.66 6.93 -35.32
C HIS B 223 -12.48 7.15 -34.37
N LEU B 224 -11.82 8.31 -34.40
CA LEU B 224 -10.58 8.50 -33.66
C LEU B 224 -10.65 9.69 -32.71
N SER B 225 -11.77 9.83 -32.02
CA SER B 225 -11.79 10.68 -30.84
C SER B 225 -11.14 9.95 -29.65
N ALA B 226 -10.43 10.71 -28.81
CA ALA B 226 -9.60 10.09 -27.77
C ALA B 226 -10.42 9.13 -26.90
N VAL B 227 -11.42 9.64 -26.20
CA VAL B 227 -12.20 8.81 -25.28
C VAL B 227 -12.80 7.61 -26.03
N GLU B 228 -13.33 7.86 -27.23
CA GLU B 228 -14.00 6.83 -28.05
C GLU B 228 -13.06 5.66 -28.36
N PHE B 229 -11.91 5.96 -28.97
CA PHE B 229 -11.00 4.90 -29.39
C PHE B 229 -10.21 4.29 -28.21
N HIS B 230 -9.83 5.09 -27.20
CA HIS B 230 -9.08 4.53 -26.07
C HIS B 230 -9.95 3.55 -25.28
N SER B 231 -11.18 3.94 -24.94
CA SER B 231 -12.07 2.98 -24.28
C SER B 231 -12.32 1.77 -25.18
N ALA B 232 -12.52 1.99 -26.50
CA ALA B 232 -12.74 0.84 -27.38
C ALA B 232 -11.55 -0.11 -27.34
N TRP B 233 -10.33 0.43 -27.36
CA TRP B 233 -9.15 -0.41 -27.31
C TRP B 233 -9.09 -1.18 -25.99
N ALA B 234 -9.41 -0.51 -24.89
CA ALA B 234 -9.45 -1.21 -23.60
C ALA B 234 -10.43 -2.38 -23.67
N MET B 235 -11.56 -2.18 -24.35
CA MET B 235 -12.57 -3.23 -24.44
C MET B 235 -12.12 -4.38 -25.34
N GLY B 236 -11.55 -4.07 -26.49
CA GLY B 236 -11.11 -5.12 -27.41
C GLY B 236 -9.94 -5.92 -26.86
N MET B 237 -8.98 -5.23 -26.24
CA MET B 237 -7.83 -5.87 -25.62
C MET B 237 -8.16 -6.49 -24.27
N ARG B 238 -9.27 -6.08 -23.65
CA ARG B 238 -9.73 -6.66 -22.39
C ARG B 238 -8.76 -6.38 -21.23
N VAL B 239 -8.36 -5.12 -21.08
CA VAL B 239 -7.51 -4.69 -19.98
C VAL B 239 -8.06 -3.39 -19.40
N ASN B 240 -7.70 -3.12 -18.14
CA ASN B 240 -7.89 -1.78 -17.60
C ASN B 240 -7.04 -0.78 -18.37
N PHE B 241 -7.45 0.48 -18.33
CA PHE B 241 -6.83 1.51 -19.19
C PHE B 241 -6.98 2.88 -18.55
N LEU B 242 -5.86 3.58 -18.35
CA LEU B 242 -5.81 4.89 -17.71
C LEU B 242 -5.23 5.86 -18.73
N ALA B 243 -6.10 6.57 -19.45
CA ALA B 243 -5.72 7.50 -20.51
C ALA B 243 -5.72 8.91 -19.94
N SER B 244 -4.57 9.56 -19.95
CA SER B 244 -4.41 10.91 -19.40
C SER B 244 -3.95 11.82 -20.53
N ASN B 245 -4.82 12.74 -20.93
CA ASN B 245 -4.70 13.50 -22.16
C ASN B 245 -4.40 14.97 -21.89
N ILE B 246 -3.69 15.60 -22.83
CA ILE B 246 -3.57 17.05 -22.81
C ILE B 246 -4.93 17.70 -23.04
N HIS B 247 -5.11 18.87 -22.43
CA HIS B 247 -6.31 19.68 -22.60
C HIS B 247 -5.89 20.92 -23.37
N TYR B 248 -6.34 20.99 -24.64
CA TYR B 248 -5.97 22.06 -25.54
C TYR B 248 -7.01 22.10 -26.65
N PRO B 249 -8.23 22.56 -26.36
CA PRO B 249 -9.31 22.50 -27.36
C PRO B 249 -8.88 23.09 -28.69
N SER B 250 -8.08 24.14 -28.64
CA SER B 250 -7.44 24.79 -29.77
C SER B 250 -6.96 23.78 -30.81
N LYS B 251 -6.30 22.72 -30.36
CA LYS B 251 -5.79 21.66 -31.22
C LYS B 251 -6.62 20.38 -31.15
N LYS B 252 -7.87 20.45 -30.68
CA LYS B 252 -8.71 19.27 -30.53
C LYS B 252 -8.08 18.24 -29.60
N MET B 253 -7.36 18.74 -28.61
CA MET B 253 -6.76 17.89 -27.56
C MET B 253 -7.68 17.94 -26.35
N THR B 254 -8.44 16.89 -26.19
CA THR B 254 -9.27 16.67 -25.02
C THR B 254 -9.89 15.29 -25.11
N GLY B 255 -10.05 14.68 -23.94
CA GLY B 255 -10.54 13.33 -23.75
C GLY B 255 -9.63 12.43 -22.94
N SER B 256 -10.02 12.28 -21.68
CA SER B 256 -9.27 11.47 -20.72
C SER B 256 -10.23 10.50 -20.08
N GLY B 257 -9.72 9.41 -19.55
CA GLY B 257 -10.67 8.50 -18.92
C GLY B 257 -10.02 7.33 -18.26
N ILE B 258 -10.85 6.60 -17.53
CA ILE B 258 -10.49 5.34 -16.91
C ILE B 258 -11.48 4.31 -17.41
N TYR B 259 -10.98 3.27 -18.08
CA TYR B 259 -11.79 2.29 -18.78
C TYR B 259 -11.46 0.88 -18.29
N ALA B 260 -12.48 0.03 -18.32
CA ALA B 260 -12.32 -1.35 -17.89
C ALA B 260 -12.68 -2.26 -19.05
N PRO B 261 -12.37 -3.55 -18.95
CA PRO B 261 -12.67 -4.46 -20.07
C PRO B 261 -14.14 -4.50 -20.46
N ASN B 262 -15.05 -4.39 -19.49
CA ASN B 262 -16.47 -4.51 -19.76
C ASN B 262 -17.15 -3.17 -20.00
N SER B 263 -16.47 -2.07 -19.71
CA SER B 263 -17.12 -0.78 -19.86
C SER B 263 -16.15 0.34 -19.50
N SER B 264 -16.48 1.54 -19.96
CA SER B 264 -15.83 2.76 -19.50
C SER B 264 -16.28 3.06 -18.07
N ARG B 265 -15.35 3.48 -17.23
CA ARG B 265 -15.66 3.75 -15.84
C ARG B 265 -15.78 5.24 -15.54
N ALA B 266 -14.96 6.07 -16.20
CA ALA B 266 -15.07 7.52 -16.10
C ALA B 266 -14.46 8.12 -17.34
N PHE B 267 -14.97 9.28 -17.76
CA PHE B 267 -14.36 9.94 -18.90
C PHE B 267 -14.62 11.44 -18.82
N HIS B 268 -13.78 12.19 -19.52
CA HIS B 268 -13.84 13.65 -19.59
C HIS B 268 -13.66 14.07 -21.04
N TYR B 269 -14.50 15.02 -21.47
CA TYR B 269 -14.43 15.62 -22.80
C TYR B 269 -14.97 17.04 -22.70
N ASP B 270 -14.14 18.04 -23.00
CA ASP B 270 -14.53 19.44 -22.79
C ASP B 270 -13.83 20.32 -23.84
N MET B 271 -14.60 20.80 -24.82
CA MET B 271 -14.02 21.74 -25.77
C MET B 271 -14.26 23.19 -25.39
N LYS B 272 -15.09 23.47 -24.39
CA LYS B 272 -15.50 24.84 -24.16
C LYS B 272 -14.51 25.63 -23.29
N THR B 273 -14.01 25.04 -22.19
CA THR B 273 -13.15 25.74 -21.24
C THR B 273 -11.69 25.31 -21.41
N GLU B 274 -10.81 25.93 -20.62
CA GLU B 274 -9.41 25.55 -20.52
C GLU B 274 -9.06 24.86 -19.21
N GLU B 275 -10.04 24.57 -18.37
CA GLU B 275 -9.77 23.90 -17.10
C GLU B 275 -9.21 22.51 -17.34
N GLY B 276 -8.36 22.07 -16.41
CA GLY B 276 -7.99 20.67 -16.31
C GLY B 276 -9.07 19.89 -15.59
N LYS B 277 -8.86 18.57 -15.48
CA LYS B 277 -9.86 17.71 -14.85
C LYS B 277 -9.19 16.45 -14.33
N LEU B 278 -9.38 16.17 -13.04
CA LEU B 278 -8.88 14.98 -12.37
C LEU B 278 -10.00 13.96 -12.30
N LEU B 279 -9.73 12.72 -12.71
CA LEU B 279 -10.70 11.64 -12.62
C LEU B 279 -10.16 10.54 -11.70
N LEU B 280 -11.06 9.98 -10.88
CA LEU B 280 -10.75 8.87 -10.01
C LEU B 280 -11.80 7.78 -10.20
N SER B 281 -11.38 6.53 -10.09
CA SER B 281 -12.34 5.43 -10.20
C SER B 281 -11.72 4.15 -9.67
N GLN B 282 -12.58 3.31 -9.09
CA GLN B 282 -12.17 2.00 -8.63
C GLN B 282 -12.08 1.01 -9.78
N LEU B 283 -11.05 0.17 -9.75
CA LEU B 283 -10.83 -0.86 -10.75
C LEU B 283 -10.44 -2.15 -10.05
N ASP B 284 -10.76 -3.27 -10.70
CA ASP B 284 -10.23 -4.55 -10.25
C ASP B 284 -8.74 -4.65 -10.55
N SER B 285 -7.97 -5.16 -9.58
CA SER B 285 -6.55 -5.38 -9.82
C SER B 285 -6.36 -6.37 -10.97
N HIS B 286 -7.16 -7.42 -11.00
CA HIS B 286 -7.15 -8.42 -12.08
C HIS B 286 -8.57 -8.51 -12.60
N PRO B 287 -8.93 -7.67 -13.59
CA PRO B 287 -10.32 -7.68 -14.09
C PRO B 287 -10.64 -9.04 -14.69
N SER B 288 -11.91 -9.42 -14.61
CA SER B 288 -12.32 -10.68 -15.22
C SER B 288 -12.56 -10.45 -16.71
N HIS B 289 -12.10 -11.42 -17.51
CA HIS B 289 -12.17 -11.36 -18.96
C HIS B 289 -13.30 -12.25 -19.46
N SER B 290 -14.07 -11.72 -20.40
CA SER B 290 -14.92 -12.63 -21.14
C SER B 290 -14.05 -13.57 -21.97
N ALA B 291 -14.66 -14.63 -22.47
CA ALA B 291 -13.97 -15.50 -23.42
C ALA B 291 -13.45 -14.66 -24.59
N VAL B 292 -12.33 -15.09 -25.16
CA VAL B 292 -11.82 -14.39 -26.34
C VAL B 292 -12.92 -14.36 -27.40
N VAL B 293 -12.86 -13.36 -28.26
CA VAL B 293 -13.90 -13.09 -29.26
C VAL B 293 -13.39 -13.49 -30.63
N ASN B 294 -14.17 -14.31 -31.35
CA ASN B 294 -13.95 -14.55 -32.78
C ASN B 294 -14.79 -13.51 -33.51
N TRP B 295 -14.11 -12.49 -34.05
CA TRP B 295 -14.80 -11.34 -34.64
C TRP B 295 -15.50 -11.66 -35.95
N THR B 296 -15.21 -12.80 -36.58
CA THR B 296 -15.83 -13.15 -37.85
C THR B 296 -16.84 -14.29 -37.76
N SER B 297 -17.08 -14.84 -36.56
CA SER B 297 -17.95 -16.00 -36.40
C SER B 297 -19.37 -15.73 -36.88
N TYR B 298 -20.08 -14.84 -36.18
CA TYR B 298 -21.46 -14.55 -36.55
C TYR B 298 -21.55 -14.01 -37.98
N ALA B 299 -20.72 -13.03 -38.32
CA ALA B 299 -20.82 -12.40 -39.63
C ALA B 299 -20.64 -13.42 -40.75
N SER B 300 -19.73 -14.37 -40.58
CA SER B 300 -19.54 -15.42 -41.57
C SER B 300 -20.59 -16.51 -41.53
N SER B 301 -21.41 -16.57 -40.47
CA SER B 301 -22.41 -17.64 -40.40
C SER B 301 -23.76 -17.27 -41.03
N ILE B 302 -23.98 -16.01 -41.38
CA ILE B 302 -25.25 -15.59 -41.95
C ILE B 302 -25.08 -15.25 -43.44
N GLU B 303 -26.21 -15.09 -44.12
CA GLU B 303 -26.26 -14.55 -45.47
C GLU B 303 -26.51 -13.04 -45.41
N ALA B 304 -26.38 -12.39 -46.56
CA ALA B 304 -26.52 -10.94 -46.62
C ALA B 304 -27.91 -10.53 -46.15
N LEU B 305 -27.97 -9.56 -45.23
CA LEU B 305 -29.24 -9.12 -44.66
C LEU B 305 -30.06 -8.26 -45.61
N SER B 306 -29.43 -7.72 -46.64
CA SER B 306 -30.09 -6.83 -47.57
C SER B 306 -29.53 -7.15 -48.95
N SER B 307 -30.27 -6.73 -49.98
CA SER B 307 -30.00 -7.21 -51.31
C SER B 307 -30.28 -6.11 -52.32
N GLY B 308 -29.49 -6.12 -53.41
CA GLY B 308 -29.56 -5.06 -54.40
C GLY B 308 -29.36 -3.65 -53.88
N ASN B 309 -28.32 -3.43 -53.07
CA ASN B 309 -28.10 -2.12 -52.49
C ASN B 309 -27.73 -1.07 -53.52
N LYS B 310 -28.13 0.17 -53.24
CA LYS B 310 -27.60 1.34 -53.92
C LYS B 310 -26.44 1.88 -53.08
N GLU B 311 -25.23 1.49 -53.43
CA GLU B 311 -24.02 1.88 -52.71
C GLU B 311 -23.32 3.08 -53.38
N PHE B 312 -22.50 3.75 -52.57
CA PHE B 312 -21.77 4.96 -53.00
C PHE B 312 -20.49 5.06 -52.18
N LYS B 313 -19.53 5.82 -52.70
CA LYS B 313 -18.25 6.01 -52.04
C LYS B 313 -18.29 7.25 -51.17
N GLY B 314 -17.69 7.17 -49.99
CA GLY B 314 -17.60 8.32 -49.11
C GLY B 314 -16.32 8.28 -48.29
N THR B 315 -15.81 9.47 -47.95
CA THR B 315 -14.49 9.63 -47.37
C THR B 315 -14.60 9.74 -45.84
N VAL B 316 -13.95 8.83 -45.13
CA VAL B 316 -13.81 8.89 -43.66
C VAL B 316 -12.32 9.02 -43.38
N PHE B 317 -11.90 10.18 -42.89
CA PHE B 317 -10.50 10.40 -42.56
C PHE B 317 -9.60 9.99 -43.72
N PHE B 318 -9.95 10.48 -44.92
CA PHE B 318 -9.21 10.26 -46.16
C PHE B 318 -9.22 8.81 -46.63
N ASP B 319 -10.13 7.99 -46.09
CA ASP B 319 -10.26 6.60 -46.48
C ASP B 319 -11.58 6.42 -47.23
N GLU B 320 -11.57 5.71 -48.35
CA GLU B 320 -12.74 5.58 -49.22
C GLU B 320 -13.56 4.37 -48.78
N PHE B 321 -14.63 4.64 -48.03
CA PHE B 321 -15.58 3.65 -47.60
C PHE B 321 -16.62 3.39 -48.68
N THR B 322 -17.15 2.17 -48.67
CA THR B 322 -18.36 1.81 -49.41
C THR B 322 -19.55 1.92 -48.47
N PHE B 323 -20.51 2.79 -48.80
CA PHE B 323 -21.65 3.08 -47.96
C PHE B 323 -22.96 2.65 -48.62
N VAL B 324 -23.89 2.24 -47.77
CA VAL B 324 -25.31 2.16 -48.13
C VAL B 324 -26.08 3.01 -47.12
N LYS B 325 -26.96 3.87 -47.63
CA LYS B 325 -27.75 4.75 -46.77
C LYS B 325 -28.86 3.94 -46.11
N LEU B 326 -29.13 4.23 -44.84
CA LEU B 326 -30.22 3.60 -44.10
C LEU B 326 -31.49 4.42 -44.34
N THR B 327 -32.54 3.78 -44.85
CA THR B 327 -33.77 4.49 -45.22
C THR B 327 -34.85 4.35 -44.16
N GLY B 328 -35.16 3.13 -43.74
CA GLY B 328 -36.20 2.92 -42.76
C GLY B 328 -35.81 3.38 -41.37
N VAL B 329 -36.84 3.60 -40.54
CA VAL B 329 -36.60 3.82 -39.11
C VAL B 329 -36.01 2.56 -38.47
N ALA B 330 -36.14 1.41 -39.13
CA ALA B 330 -35.46 0.19 -38.72
C ALA B 330 -35.17 -0.64 -39.96
N GLY B 331 -34.15 -1.50 -39.87
CA GLY B 331 -33.74 -2.27 -41.02
C GLY B 331 -32.63 -3.26 -40.71
N ASN B 332 -32.42 -4.16 -41.67
CA ASN B 332 -31.31 -5.10 -41.71
C ASN B 332 -30.53 -4.88 -43.00
N TYR B 333 -29.25 -4.50 -42.89
CA TYR B 333 -28.42 -4.14 -44.04
C TYR B 333 -27.09 -4.88 -44.02
N THR B 334 -26.61 -5.23 -45.24
CA THR B 334 -25.25 -5.75 -45.44
C THR B 334 -24.54 -4.95 -46.53
N VAL B 335 -23.28 -4.59 -46.28
CA VAL B 335 -22.44 -3.87 -47.24
C VAL B 335 -21.02 -4.39 -47.12
N CYS B 336 -20.33 -4.54 -48.26
CA CYS B 336 -19.03 -5.18 -48.30
C CYS B 336 -18.03 -4.31 -49.07
N GLN B 337 -16.75 -4.51 -48.75
CA GLN B 337 -15.66 -3.98 -49.56
C GLN B 337 -14.50 -4.96 -49.45
N LYS B 338 -14.00 -5.39 -50.60
CA LYS B 338 -12.96 -6.41 -50.70
C LYS B 338 -13.24 -7.61 -49.79
N ASP B 339 -12.44 -7.78 -48.74
CA ASP B 339 -12.56 -8.97 -47.90
C ASP B 339 -13.52 -8.79 -46.72
N LEU B 340 -14.08 -7.61 -46.53
CA LEU B 340 -14.82 -7.29 -45.33
C LEU B 340 -16.31 -7.11 -45.67
N CYS B 341 -17.16 -7.89 -45.02
CA CYS B 341 -18.60 -7.66 -45.11
C CYS B 341 -19.12 -7.26 -43.74
N CYS B 342 -20.01 -6.26 -43.73
CA CYS B 342 -20.55 -5.65 -42.54
C CYS B 342 -22.06 -5.81 -42.52
N HIS B 343 -22.57 -6.33 -41.40
CA HIS B 343 -24.00 -6.54 -41.16
C HIS B 343 -24.45 -5.62 -40.04
N LEU B 344 -25.57 -4.94 -40.25
CA LEU B 344 -26.18 -4.09 -39.25
C LEU B 344 -27.66 -4.39 -39.16
N SER B 345 -28.15 -4.53 -37.94
CA SER B 345 -29.58 -4.55 -37.68
C SER B 345 -29.87 -3.42 -36.70
N TYR B 346 -30.96 -2.70 -36.90
CA TYR B 346 -31.13 -1.49 -36.12
C TYR B 346 -32.59 -1.06 -36.07
N LYS B 347 -32.97 -0.47 -34.93
CA LYS B 347 -34.23 0.24 -34.78
C LYS B 347 -33.94 1.56 -34.10
N MET B 348 -34.29 2.66 -34.76
CA MET B 348 -34.15 3.99 -34.18
C MET B 348 -35.37 4.35 -33.33
N SER B 349 -35.13 5.17 -32.30
CA SER B 349 -36.22 5.62 -31.43
C SER B 349 -37.18 6.57 -32.13
N GLU B 350 -36.73 7.23 -33.20
CA GLU B 350 -37.49 8.28 -33.83
C GLU B 350 -37.11 8.35 -35.30
N ASN B 351 -38.02 8.85 -36.12
CA ASN B 351 -37.73 9.14 -37.52
C ASN B 351 -37.48 10.64 -37.62
N ILE B 352 -36.22 11.03 -37.51
CA ILE B 352 -35.79 12.40 -37.81
C ILE B 352 -35.49 12.46 -39.30
N PRO B 353 -36.27 13.21 -40.09
CA PRO B 353 -36.09 13.17 -41.55
C PRO B 353 -34.79 13.82 -42.00
N ASN B 354 -34.44 14.97 -41.42
CA ASN B 354 -33.25 15.74 -41.80
C ASN B 354 -31.97 15.15 -41.22
N GLU B 355 -32.00 13.91 -40.74
CA GLU B 355 -30.82 13.23 -40.22
C GLU B 355 -30.64 11.94 -41.00
N VAL B 356 -29.47 11.79 -41.63
CA VAL B 356 -29.16 10.65 -42.49
C VAL B 356 -28.11 9.78 -41.81
N TYR B 357 -28.38 8.46 -41.77
CA TYR B 357 -27.43 7.48 -41.27
C TYR B 357 -26.99 6.55 -42.39
N ALA B 358 -25.77 6.03 -42.28
CA ALA B 358 -25.25 5.14 -43.31
C ALA B 358 -24.48 4.00 -42.64
N LEU B 359 -24.41 2.89 -43.38
CA LEU B 359 -23.59 1.74 -43.00
C LEU B 359 -22.46 1.65 -44.01
N GLY B 360 -21.22 1.63 -43.50
CA GLY B 360 -20.05 1.72 -44.35
C GLY B 360 -19.04 0.65 -44.02
N ALA B 361 -18.31 0.24 -45.05
CA ALA B 361 -17.25 -0.75 -44.94
C ALA B 361 -15.97 -0.21 -45.56
N PHE B 362 -14.87 -0.44 -44.87
CA PHE B 362 -13.54 -0.11 -45.38
C PHE B 362 -12.59 -1.28 -45.13
N ASP B 363 -11.74 -1.55 -46.12
CA ASP B 363 -10.75 -2.63 -46.07
C ASP B 363 -9.57 -2.16 -46.93
N GLY B 364 -8.58 -1.56 -46.29
CA GLY B 364 -7.49 -1.01 -47.07
C GLY B 364 -6.48 -0.29 -46.19
N LEU B 365 -5.50 0.31 -46.84
CA LEU B 365 -4.37 0.93 -46.17
C LEU B 365 -4.63 2.41 -45.97
N HIS B 366 -4.57 2.86 -44.70
CA HIS B 366 -4.55 4.27 -44.38
C HIS B 366 -3.14 4.80 -44.59
N THR B 367 -3.04 6.03 -45.12
CA THR B 367 -1.74 6.61 -45.48
C THR B 367 -1.54 8.04 -44.99
N VAL B 368 -2.58 8.72 -44.51
CA VAL B 368 -2.48 10.14 -44.16
C VAL B 368 -2.17 10.28 -42.67
N GLU B 369 -1.07 10.96 -42.36
CA GLU B 369 -0.54 11.07 -40.99
C GLU B 369 -0.53 9.70 -40.31
N GLY B 370 0.15 8.77 -40.95
CA GLY B 370 0.20 7.41 -40.45
C GLY B 370 -0.18 6.43 -41.53
N ARG B 371 0.60 5.35 -41.62
CA ARG B 371 0.36 4.25 -42.55
C ARG B 371 -0.08 3.04 -41.74
N TYR B 372 -1.32 2.59 -41.94
CA TYR B 372 -1.76 1.42 -41.19
C TYR B 372 -2.98 0.80 -41.86
N TYR B 373 -3.03 -0.53 -41.88
CA TYR B 373 -4.13 -1.21 -42.54
C TYR B 373 -5.35 -1.33 -41.63
N LEU B 374 -6.51 -1.05 -42.19
CA LEU B 374 -7.76 -1.01 -41.45
C LEU B 374 -8.80 -1.90 -42.10
N GLN B 375 -9.61 -2.54 -41.26
CA GLN B 375 -10.89 -3.13 -41.65
C GLN B 375 -11.93 -2.56 -40.71
N ILE B 376 -12.88 -1.79 -41.24
CA ILE B 376 -13.82 -1.05 -40.43
C ILE B 376 -15.25 -1.32 -40.91
N CYS B 377 -16.12 -1.64 -39.95
CA CYS B 377 -17.56 -1.66 -40.17
C CYS B 377 -18.18 -0.55 -39.33
N THR B 378 -18.89 0.37 -39.98
CA THR B 378 -19.33 1.53 -39.21
C THR B 378 -20.76 1.90 -39.55
N LEU B 379 -21.59 2.00 -38.52
CA LEU B 379 -22.84 2.73 -38.62
C LEU B 379 -22.55 4.15 -38.16
N LEU B 380 -22.88 5.13 -38.99
CA LEU B 380 -22.52 6.49 -38.64
C LEU B 380 -23.57 7.49 -39.09
N LYS B 381 -23.63 8.59 -38.35
CA LYS B 381 -24.47 9.73 -38.69
C LYS B 381 -23.74 10.57 -39.72
N CYS B 382 -24.35 10.79 -40.89
CA CYS B 382 -23.75 11.67 -41.88
C CYS B 382 -23.84 13.11 -41.41
N LYS B 383 -22.78 13.89 -41.66
CA LYS B 383 -22.71 15.21 -41.05
C LYS B 383 -23.94 16.05 -41.38
N THR B 384 -24.29 16.14 -42.67
CA THR B 384 -25.51 16.76 -43.16
C THR B 384 -26.30 15.73 -43.97
N THR B 385 -27.36 16.18 -44.64
CA THR B 385 -28.18 15.28 -45.45
C THR B 385 -27.55 14.93 -46.79
N ASN B 386 -26.54 15.69 -47.19
CA ASN B 386 -25.81 15.39 -48.43
C ASN B 386 -24.94 14.16 -48.25
N LEU B 387 -25.17 13.14 -49.08
CA LEU B 387 -24.31 11.97 -49.01
C LEU B 387 -22.84 12.32 -49.23
N ASN B 388 -22.55 13.53 -49.74
CA ASN B 388 -21.19 14.02 -49.86
C ASN B 388 -20.46 14.06 -48.55
N THR B 389 -21.20 14.10 -47.45
CA THR B 389 -20.66 14.33 -46.12
C THR B 389 -20.76 13.11 -45.22
N CYS B 390 -21.17 11.95 -45.72
CA CYS B 390 -21.09 10.74 -44.91
C CYS B 390 -19.61 10.38 -44.72
N GLY B 391 -19.14 10.46 -43.48
CA GLY B 391 -17.73 10.29 -43.17
C GLY B 391 -17.06 11.53 -42.64
N ASP B 392 -17.66 12.70 -42.87
CA ASP B 392 -17.19 13.93 -42.25
C ASP B 392 -17.42 13.91 -40.75
N SER B 393 -16.58 14.63 -40.01
CA SER B 393 -16.78 14.76 -38.58
C SER B 393 -18.17 15.32 -38.30
N ALA B 394 -18.89 14.66 -37.40
CA ALA B 394 -20.22 15.07 -36.97
C ALA B 394 -20.23 15.04 -35.45
N GLU B 395 -20.43 16.21 -34.84
CA GLU B 395 -20.34 16.35 -33.39
C GLU B 395 -21.68 16.17 -32.70
N THR B 396 -22.79 16.29 -33.41
CA THR B 396 -24.10 16.24 -32.78
C THR B 396 -25.06 15.44 -33.64
N ALA B 397 -26.07 14.88 -32.98
CA ALA B 397 -27.14 14.13 -33.63
C ALA B 397 -28.34 14.16 -32.71
N SER B 398 -29.50 13.83 -33.26
CA SER B 398 -30.71 13.78 -32.48
C SER B 398 -31.33 12.40 -32.42
N THR B 399 -30.97 11.51 -33.35
CA THR B 399 -31.61 10.21 -33.44
C THR B 399 -31.01 9.29 -32.40
N ARG B 400 -31.88 8.88 -31.48
CA ARG B 400 -31.49 7.85 -30.51
C ARG B 400 -31.95 6.53 -31.12
N PHE B 401 -31.32 5.43 -30.75
CA PHE B 401 -31.63 4.11 -31.31
C PHE B 401 -32.25 3.23 -30.26
N GLU B 402 -33.41 2.61 -30.59
CA GLU B 402 -34.00 1.63 -29.70
C GLU B 402 -33.13 0.39 -29.57
N MET B 403 -32.51 -0.04 -30.67
CA MET B 403 -31.59 -1.17 -30.61
C MET B 403 -30.63 -1.12 -31.80
N PHE B 404 -29.47 -1.72 -31.61
CA PHE B 404 -28.54 -1.92 -32.73
C PHE B 404 -27.77 -3.21 -32.54
N SER B 405 -27.22 -3.70 -33.64
CA SER B 405 -26.34 -4.87 -33.62
C SER B 405 -25.50 -4.86 -34.88
N LEU B 406 -24.18 -4.77 -34.72
CA LEU B 406 -23.23 -4.63 -35.81
C LEU B 406 -22.23 -5.78 -35.78
N SER B 407 -21.85 -6.29 -36.95
CA SER B 407 -20.85 -7.35 -37.04
C SER B 407 -20.18 -7.29 -38.40
N GLY B 408 -19.06 -7.99 -38.53
CA GLY B 408 -18.31 -7.96 -39.79
C GLY B 408 -17.45 -9.20 -39.94
N THR B 409 -17.12 -9.52 -41.20
CA THR B 409 -16.26 -10.67 -41.50
C THR B 409 -14.80 -10.21 -41.45
N PHE B 410 -14.37 -9.88 -40.23
CA PHE B 410 -13.06 -9.27 -40.02
C PHE B 410 -11.94 -10.28 -40.26
N GLY B 411 -10.91 -9.84 -40.96
CA GLY B 411 -9.78 -10.68 -41.23
C GLY B 411 -8.72 -10.49 -40.18
N THR B 412 -9.14 -10.06 -39.01
CA THR B 412 -8.26 -9.89 -37.86
C THR B 412 -8.98 -10.22 -36.57
N GLN B 413 -8.23 -10.65 -35.56
CA GLN B 413 -8.78 -10.76 -34.21
C GLN B 413 -8.57 -9.54 -33.35
N TYR B 414 -7.90 -8.50 -33.84
CA TYR B 414 -7.78 -7.23 -33.13
C TYR B 414 -8.80 -6.23 -33.69
N VAL B 415 -9.99 -6.26 -33.10
CA VAL B 415 -11.11 -5.41 -33.47
C VAL B 415 -11.62 -4.67 -32.23
N PHE B 416 -11.73 -3.35 -32.33
CA PHE B 416 -12.00 -2.50 -31.17
C PHE B 416 -13.39 -1.89 -31.28
N PRO B 417 -14.30 -2.24 -30.36
CA PRO B 417 -15.71 -1.82 -30.50
C PRO B 417 -15.91 -0.40 -29.97
N GLU B 418 -16.55 0.44 -30.78
CA GLU B 418 -16.74 1.85 -30.46
C GLU B 418 -18.21 2.22 -30.48
N VAL B 419 -18.64 2.97 -29.48
CA VAL B 419 -19.98 3.56 -29.46
C VAL B 419 -19.82 5.00 -29.00
N LEU B 420 -20.24 5.95 -29.85
CA LEU B 420 -20.16 7.35 -29.47
C LEU B 420 -21.52 8.01 -29.56
N LEU B 421 -21.85 8.80 -28.55
CA LEU B 421 -23.10 9.52 -28.51
C LEU B 421 -22.84 10.99 -28.82
N SER B 422 -23.92 11.68 -29.18
CA SER B 422 -23.86 13.12 -29.44
C SER B 422 -23.06 13.82 -28.35
N GLU B 423 -22.31 14.85 -28.75
CA GLU B 423 -21.47 15.63 -27.87
C GLU B 423 -20.23 14.86 -27.43
N ASN B 424 -19.88 13.78 -28.13
CA ASN B 424 -18.64 13.07 -27.87
C ASN B 424 -18.66 12.41 -26.48
N GLN B 425 -19.80 11.79 -26.16
CA GLN B 425 -20.05 11.12 -24.90
C GLN B 425 -20.01 9.61 -25.09
N LEU B 426 -19.41 8.91 -24.12
CA LEU B 426 -19.43 7.46 -24.10
C LEU B 426 -20.78 6.94 -23.63
N ALA B 427 -21.02 5.66 -23.87
CA ALA B 427 -22.27 5.00 -23.50
C ALA B 427 -21.96 3.83 -22.59
N PRO B 428 -21.40 4.09 -21.41
CA PRO B 428 -20.98 2.99 -20.53
C PRO B 428 -22.17 2.15 -20.10
N GLY B 429 -22.05 0.83 -20.29
CA GLY B 429 -23.06 -0.10 -19.88
C GLY B 429 -24.29 -0.21 -20.75
N GLU B 430 -24.34 0.53 -21.88
CA GLU B 430 -25.46 0.46 -22.82
C GLU B 430 -25.26 -0.52 -23.96
N PHE B 431 -24.08 -1.13 -24.06
CA PHE B 431 -23.78 -2.06 -25.14
C PHE B 431 -22.81 -3.11 -24.63
N GLN B 432 -22.80 -4.25 -25.33
CA GLN B 432 -21.84 -5.31 -25.05
C GLN B 432 -21.40 -5.96 -26.36
N VAL B 433 -20.27 -6.66 -26.27
CA VAL B 433 -19.71 -7.42 -27.38
C VAL B 433 -19.92 -8.90 -27.09
N SER B 434 -20.36 -9.64 -28.09
CA SER B 434 -20.55 -11.08 -27.98
C SER B 434 -19.28 -11.84 -28.34
N THR B 435 -19.26 -13.13 -28.00
CA THR B 435 -18.09 -13.97 -28.28
C THR B 435 -17.97 -14.28 -29.77
N ASP B 436 -19.06 -14.24 -30.53
CA ASP B 436 -18.98 -14.43 -31.98
C ASP B 436 -18.86 -13.11 -32.74
N GLY B 437 -18.57 -12.01 -32.04
CA GLY B 437 -18.16 -10.77 -32.67
C GLY B 437 -19.20 -9.69 -32.86
N ARG B 438 -20.39 -9.84 -32.30
CA ARG B 438 -21.44 -8.83 -32.43
C ARG B 438 -21.29 -7.75 -31.38
N LEU B 439 -21.45 -6.50 -31.80
CA LEU B 439 -21.46 -5.35 -30.91
C LEU B 439 -22.86 -4.78 -30.89
N PHE B 440 -23.54 -4.85 -29.75
CA PHE B 440 -24.95 -4.48 -29.79
C PHE B 440 -25.37 -3.82 -28.49
N SER B 441 -26.56 -3.22 -28.55
CA SER B 441 -27.10 -2.40 -27.48
C SER B 441 -27.81 -3.28 -26.45
N LEU B 442 -27.55 -3.00 -25.17
CA LEU B 442 -28.27 -3.65 -24.08
C LEU B 442 -29.62 -3.01 -23.80
N LYS B 443 -29.89 -1.86 -24.37
CA LYS B 443 -31.13 -1.14 -24.15
C LYS B 443 -31.07 0.01 -25.13
N PRO B 444 -32.15 0.79 -25.27
CA PRO B 444 -32.11 1.99 -26.10
C PRO B 444 -31.01 2.93 -25.59
N THR B 445 -30.30 3.54 -26.53
CA THR B 445 -29.18 4.40 -26.17
C THR B 445 -29.62 5.59 -25.30
N SER B 446 -28.74 6.00 -24.39
CA SER B 446 -29.13 7.09 -23.50
C SER B 446 -29.13 8.45 -24.21
N GLY B 447 -28.38 8.60 -25.30
CA GLY B 447 -28.42 9.79 -26.12
C GLY B 447 -28.39 9.47 -27.60
N PRO B 448 -28.51 10.47 -28.46
CA PRO B 448 -28.44 10.22 -29.91
C PRO B 448 -27.07 9.67 -30.29
N VAL B 449 -27.07 8.76 -31.26
CA VAL B 449 -25.88 8.04 -31.66
C VAL B 449 -25.15 8.80 -32.76
N LEU B 450 -23.84 8.99 -32.58
CA LEU B 450 -22.94 9.46 -33.64
C LEU B 450 -22.41 8.28 -34.45
N THR B 451 -21.91 7.25 -33.77
CA THR B 451 -21.42 6.08 -34.49
C THR B 451 -21.45 4.83 -33.60
N VAL B 452 -21.56 3.69 -34.28
CA VAL B 452 -21.36 2.37 -33.71
C VAL B 452 -20.40 1.68 -34.68
N THR B 453 -19.17 1.47 -34.25
CA THR B 453 -18.13 1.05 -35.18
C THR B 453 -17.33 -0.11 -34.63
N LEU B 454 -16.99 -1.05 -35.52
CA LEU B 454 -15.99 -2.08 -35.27
C LEU B 454 -14.75 -1.67 -36.05
N PHE B 455 -13.70 -1.29 -35.33
CA PHE B 455 -12.47 -0.72 -35.88
C PHE B 455 -11.38 -1.78 -35.74
N GLY B 456 -10.95 -2.37 -36.84
CA GLY B 456 -10.01 -3.46 -36.81
C GLY B 456 -8.72 -3.07 -37.50
N ARG B 457 -7.60 -3.55 -36.96
CA ARG B 457 -6.28 -3.29 -37.50
C ARG B 457 -5.68 -4.62 -37.97
N LEU B 458 -5.14 -4.63 -39.17
CA LEU B 458 -4.45 -5.81 -39.71
C LEU B 458 -2.97 -5.45 -39.74
N TYR B 459 -2.30 -5.66 -38.60
CA TYR B 459 -0.95 -5.11 -38.41
C TYR B 459 0.03 -5.67 -39.43
N GLU B 460 -0.13 -6.95 -39.79
CA GLU B 460 0.77 -7.58 -40.75
C GLU B 460 0.74 -6.86 -42.11
N LYS B 461 -0.37 -6.19 -42.43
CA LYS B 461 -0.56 -5.62 -43.75
C LYS B 461 -0.08 -4.18 -43.87
N ASP B 462 0.57 -3.64 -42.85
CA ASP B 462 1.15 -2.31 -42.98
C ASP B 462 2.37 -2.40 -43.88
C10 A1EAG C . 14.98 -10.85 17.40
C13 A1EAG C . 13.07 -12.80 17.31
C15 A1EAG C . 7.46 -9.12 18.83
C17 A1EAG C . 9.84 -9.47 19.10
C20 A1EAG C . 4.69 -7.75 16.74
C21 A1EAG C . 3.93 -7.87 18.12
C22 A1EAG C . 4.96 -8.69 19.01
C01 A1EAG C . 9.21 -10.56 19.81
C02 A1EAG C . 10.08 -11.67 20.55
C05 A1EAG C . 12.01 -11.58 18.73
C06 A1EAG C . 13.22 -12.21 18.67
C07 A1EAG C . 13.01 -13.55 19.55
C08 A1EAG C . 12.34 -13.11 20.64
C09 A1EAG C . 14.29 -11.23 18.73
C12 A1EAG C . 12.95 -11.71 16.26
C19 A1EAG C . 5.97 -7.52 17.15
N03 A1EAG C . 11.36 -12.07 20.05
N16 A1EAG C . 8.71 -8.55 18.51
N18 A1EAG C . 6.18 -8.54 18.44
O04 A1EAG C . 9.73 -12.17 21.56
O11 A1EAG C . 14.30 -11.12 16.13
O23 A1EAG C . 4.64 -8.97 15.96
S14 A1EAG C . 7.70 -10.43 19.68
H102 A1EAG C . 15.18 -9.78 17.43
H101 A1EAG C . 15.93 -11.38 17.37
H131 A1EAG C . 13.96 -13.41 17.09
H132 A1EAG C . 12.17 -13.43 17.29
H171 A1EAG C . 10.89 -9.29 19.00
H201 A1EAG C . 4.28 -6.95 16.14
H211 A1EAG C . 2.98 -8.43 18.00
H212 A1EAG C . 3.75 -6.87 18.56
H222 A1EAG C . 4.69 -9.75 19.02
H221 A1EAG C . 4.98 -8.30 20.03
H052 A1EAG C . 11.39 -11.87 17.86
H051 A1EAG C . 12.15 -10.48 18.75
H072 A1EAG C . 13.97 -13.97 19.82
H071 A1EAG C . 12.41 -14.28 18.99
H082 A1EAG C . 11.80 -13.91 21.11
H081 A1EAG C . 13.02 -12.66 21.34
H091 A1EAG C . 13.89 -10.33 19.15
H092 A1EAG C . 15.04 -11.62 19.39
H121 A1EAG C . 12.61 -12.14 15.28
H122 A1EAG C . 12.21 -10.92 16.59
H192 A1EAG C . 6.09 -6.47 17.47
H191 A1EAG C . 6.68 -7.76 16.35
H231 A1EAG C . 4.99 -8.75 15.07
C10 A1EAG D . 2.67 16.43 -32.96
C13 A1EAG D . 2.77 16.47 -30.06
C15 A1EAG D . -2.98 10.92 -32.94
C17 A1EAG D . -2.19 12.75 -31.65
C20 A1EAG D . -5.44 10.10 -35.60
C21 A1EAG D . -5.03 8.63 -35.19
C22 A1EAG D . -3.78 8.90 -34.27
C01 A1EAG D . -1.08 11.81 -31.57
C02 A1EAG D . 0.36 12.04 -30.81
C05 A1EAG D . 2.18 14.10 -30.17
C06 A1EAG D . 2.10 15.35 -30.77
C07 A1EAG D . 0.54 15.74 -30.75
C08 A1EAG D . 0.01 14.60 -31.27
C09 A1EAG D . 2.82 15.20 -32.04
C12 A1EAG D . 2.82 17.75 -30.93
C19 A1EAG D . -5.27 10.82 -34.48
N03 A1EAG D . 0.83 13.42 -30.69
N16 A1EAG D . -3.38 12.20 -32.50
N18 A1EAG D . -3.90 10.18 -33.81
O04 A1EAG D . 1.04 11.14 -30.43
O11 A1EAG D . 2.18 17.64 -32.29
O23 A1EAG D . -4.53 10.67 -36.57
S14 A1EAG D . -1.50 10.63 -32.43
H102 A1EAG D . 1.96 16.18 -33.75
H101 A1EAG D . 3.64 16.65 -33.40
H131 A1EAG D . 2.21 16.68 -29.14
H132 A1EAG D . 3.80 16.17 -29.81
H171 A1EAG D . -2.19 13.71 -31.18
H201 A1EAG D . -6.45 10.09 -35.98
H211 A1EAG D . -5.85 8.14 -34.64
H212 A1EAG D . -4.74 8.04 -36.08
H222 A1EAG D . -3.80 8.21 -33.42
H221 A1EAG D . -2.86 8.79 -34.84
H052 A1EAG D . 2.19 14.18 -29.06
H051 A1EAG D . 3.07 13.54 -30.52
H072 A1EAG D . 0.18 15.92 -29.74
H071 A1EAG D . 0.32 16.59 -31.40
H082 A1EAG D . 0.10 14.62 -32.34
H081 A1EAG D . -1.01 14.51 -30.97
H091 A1EAG D . 3.86 15.05 -31.83
H092 A1EAG D . 2.44 14.34 -32.54
H121 A1EAG D . 2.29 18.57 -30.37
H122 A1EAG D . 3.90 18.03 -31.07
H192 A1EAG D . -6.13 10.69 -33.80
H191 A1EAG D . -5.12 11.89 -34.71
H231 A1EAG D . -4.83 11.59 -36.73
#